data_4PZJ
# 
_entry.id   4PZJ 
# 
_audit_conform.dict_name       mmcif_pdbx.dic 
_audit_conform.dict_version    5.399 
_audit_conform.dict_location   http://mmcif.pdb.org/dictionaries/ascii/mmcif_pdbx.dic 
# 
loop_
_database_2.database_id 
_database_2.database_code 
_database_2.pdbx_database_accession 
_database_2.pdbx_DOI 
PDB   4PZJ         pdb_00004pzj 10.2210/pdb4pzj/pdb 
RCSB  RCSB085415   ?            ?                   
WWPDB D_1000085415 ?            ?                   
# 
loop_
_pdbx_audit_revision_history.ordinal 
_pdbx_audit_revision_history.data_content_type 
_pdbx_audit_revision_history.major_revision 
_pdbx_audit_revision_history.minor_revision 
_pdbx_audit_revision_history.revision_date 
1 'Structure model' 1 0 2014-04-23 
2 'Structure model' 1 1 2017-11-22 
3 'Structure model' 1 2 2024-11-20 
# 
_pdbx_audit_revision_details.ordinal             1 
_pdbx_audit_revision_details.revision_ordinal    1 
_pdbx_audit_revision_details.data_content_type   'Structure model' 
_pdbx_audit_revision_details.provider            repository 
_pdbx_audit_revision_details.type                'Initial release' 
_pdbx_audit_revision_details.description         ? 
_pdbx_audit_revision_details.details             ? 
# 
loop_
_pdbx_audit_revision_group.ordinal 
_pdbx_audit_revision_group.revision_ordinal 
_pdbx_audit_revision_group.data_content_type 
_pdbx_audit_revision_group.group 
1 2 'Structure model' 'Refinement description' 
2 3 'Structure model' 'Data collection'        
3 3 'Structure model' 'Database references'    
4 3 'Structure model' 'Derived calculations'   
5 3 'Structure model' 'Structure summary'      
# 
loop_
_pdbx_audit_revision_category.ordinal 
_pdbx_audit_revision_category.revision_ordinal 
_pdbx_audit_revision_category.data_content_type 
_pdbx_audit_revision_category.category 
1 2 'Structure model' software                  
2 3 'Structure model' chem_comp_atom            
3 3 'Structure model' chem_comp_bond            
4 3 'Structure model' database_2                
5 3 'Structure model' pdbx_entry_details        
6 3 'Structure model' pdbx_modification_feature 
7 3 'Structure model' struct_conn               
8 3 'Structure model' struct_site               
# 
loop_
_pdbx_audit_revision_item.ordinal 
_pdbx_audit_revision_item.revision_ordinal 
_pdbx_audit_revision_item.data_content_type 
_pdbx_audit_revision_item.item 
1 2 'Structure model' '_software.name'                               
2 3 'Structure model' '_database_2.pdbx_DOI'                         
3 3 'Structure model' '_database_2.pdbx_database_accession'          
4 3 'Structure model' '_pdbx_entry_details.has_protein_modification' 
5 3 'Structure model' '_struct_conn.pdbx_leaving_atom_flag'          
6 3 'Structure model' '_struct_site.pdbx_auth_asym_id'               
7 3 'Structure model' '_struct_site.pdbx_auth_comp_id'               
8 3 'Structure model' '_struct_site.pdbx_auth_seq_id'                
# 
_pdbx_database_status.status_code                     REL 
_pdbx_database_status.entry_id                        4PZJ 
_pdbx_database_status.recvd_initial_deposition_date   2014-03-31 
_pdbx_database_status.deposit_site                    RCSB 
_pdbx_database_status.process_site                    RCSB 
_pdbx_database_status.status_code_sf                  REL 
_pdbx_database_status.status_code_mr                  ? 
_pdbx_database_status.SG_entry                        Y 
_pdbx_database_status.status_code_cs                  ? 
_pdbx_database_status.methods_development_category    ? 
_pdbx_database_status.pdb_format_compatible           Y 
_pdbx_database_status.status_code_nmr_data            ? 
# 
_pdbx_database_related.db_name        TargetTrack 
_pdbx_database_related.db_id          MCSG-APC108738 
_pdbx_database_related.details        . 
_pdbx_database_related.content_type   unspecified 
# 
loop_
_audit_author.name 
_audit_author.pdbx_ordinal 
'Halavaty, A.S.'                                1 
'Filippova, E.V.'                               2 
'Minasov, G.'                                   3 
'Kiryukhina, O.'                                4 
'Endres, M.'                                    5 
'Shuvalova, L.'                                 6 
'Joachimiak, A.'                                7 
'Anderson, W.F.'                                8 
'Midwest Center for Structural Genomics (MCSG)' 9 
# 
_citation.id                        primary 
_citation.title                     
'1.60 Angstrom resolution crystal structure of a transcriptional regulator of the LysR family from Eggerthella lenta DSM 2243' 
_citation.journal_abbrev            'To be Published' 
_citation.journal_volume            ? 
_citation.page_first                ? 
_citation.page_last                 ? 
_citation.year                      ? 
_citation.journal_id_ASTM           ? 
_citation.country                   ? 
_citation.journal_id_ISSN           ? 
_citation.journal_id_CSD            0353 
_citation.book_publisher            ? 
_citation.pdbx_database_id_PubMed   ? 
_citation.pdbx_database_id_DOI      ? 
# 
loop_
_citation_author.citation_id 
_citation_author.name 
_citation_author.ordinal 
_citation_author.identifier_ORCID 
primary 'Halavaty, A.S.'  1 ? 
primary 'Filippova, E.V.' 2 ? 
primary 'Minasov, G.'     3 ? 
primary 'Kiryukhina, O.'  4 ? 
primary 'Endres, M.'      5 ? 
primary 'Shuvalova, L.'   6 ? 
primary 'Joachimiak, A.'  7 ? 
primary 'Anderson, W.F.'  8 ? 
# 
loop_
_entity.id 
_entity.type 
_entity.src_method 
_entity.pdbx_description 
_entity.formula_weight 
_entity.pdbx_number_of_molecules 
_entity.pdbx_ec 
_entity.pdbx_mutation 
_entity.pdbx_fragment 
_entity.details 
1 polymer     man 'Transcriptional regulator, LysR family' 8179.068 1  ? ? ? ? 
2 non-polymer syn 'CHLORIDE ION'                           35.453   1  ? ? ? ? 
3 water       nat water                                    18.015   64 ? ? ? ? 
# 
_entity_poly.entity_id                      1 
_entity_poly.type                           'polypeptide(L)' 
_entity_poly.nstd_linkage                   no 
_entity_poly.nstd_monomer                   yes 
_entity_poly.pdbx_seq_one_letter_code       
;(MSE)LDFRVETFLTV(CME)RT(MSE)NYTRAAEELNITQPAVSQHIAHLERDYGVPLFAYRNKKLQLTDAGALLRDAL
ST
;
_entity_poly.pdbx_seq_one_letter_code_can   MLDFRVETFLTVCRTMNYTRAAEELNITQPAVSQHIAHLERDYGVPLFAYRNKKLQLTDAGALLRDALST 
_entity_poly.pdbx_strand_id                 A 
_entity_poly.pdbx_target_identifier         MCSG-APC108738 
# 
loop_
_pdbx_entity_nonpoly.entity_id 
_pdbx_entity_nonpoly.name 
_pdbx_entity_nonpoly.comp_id 
2 'CHLORIDE ION' CL  
3 water          HOH 
# 
loop_
_entity_poly_seq.entity_id 
_entity_poly_seq.num 
_entity_poly_seq.mon_id 
_entity_poly_seq.hetero 
1 1  MSE n 
1 2  LEU n 
1 3  ASP n 
1 4  PHE n 
1 5  ARG n 
1 6  VAL n 
1 7  GLU n 
1 8  THR n 
1 9  PHE n 
1 10 LEU n 
1 11 THR n 
1 12 VAL n 
1 13 CME n 
1 14 ARG n 
1 15 THR n 
1 16 MSE n 
1 17 ASN n 
1 18 TYR n 
1 19 THR n 
1 20 ARG n 
1 21 ALA n 
1 22 ALA n 
1 23 GLU n 
1 24 GLU n 
1 25 LEU n 
1 26 ASN n 
1 27 ILE n 
1 28 THR n 
1 29 GLN n 
1 30 PRO n 
1 31 ALA n 
1 32 VAL n 
1 33 SER n 
1 34 GLN n 
1 35 HIS n 
1 36 ILE n 
1 37 ALA n 
1 38 HIS n 
1 39 LEU n 
1 40 GLU n 
1 41 ARG n 
1 42 ASP n 
1 43 TYR n 
1 44 GLY n 
1 45 VAL n 
1 46 PRO n 
1 47 LEU n 
1 48 PHE n 
1 49 ALA n 
1 50 TYR n 
1 51 ARG n 
1 52 ASN n 
1 53 LYS n 
1 54 LYS n 
1 55 LEU n 
1 56 GLN n 
1 57 LEU n 
1 58 THR n 
1 59 ASP n 
1 60 ALA n 
1 61 GLY n 
1 62 ALA n 
1 63 LEU n 
1 64 LEU n 
1 65 ARG n 
1 66 ASP n 
1 67 ALA n 
1 68 LEU n 
1 69 SER n 
1 70 THR n 
# 
_entity_src_gen.entity_id                          1 
_entity_src_gen.pdbx_src_id                        1 
_entity_src_gen.pdbx_alt_source_flag               sample 
_entity_src_gen.pdbx_seq_type                      ? 
_entity_src_gen.pdbx_beg_seq_num                   ? 
_entity_src_gen.pdbx_end_seq_num                   ? 
_entity_src_gen.gene_src_common_name               ? 
_entity_src_gen.gene_src_genus                     ? 
_entity_src_gen.pdbx_gene_src_gene                 Elen_0221 
_entity_src_gen.gene_src_species                   ? 
_entity_src_gen.gene_src_strain                    'DSM 2243' 
_entity_src_gen.gene_src_tissue                    ? 
_entity_src_gen.gene_src_tissue_fraction           ? 
_entity_src_gen.gene_src_details                   ? 
_entity_src_gen.pdbx_gene_src_fragment             ? 
_entity_src_gen.pdbx_gene_src_scientific_name      'Eggerthella lenta' 
_entity_src_gen.pdbx_gene_src_ncbi_taxonomy_id     479437 
_entity_src_gen.pdbx_gene_src_variant              ? 
_entity_src_gen.pdbx_gene_src_cell_line            ? 
_entity_src_gen.pdbx_gene_src_atcc                 ? 
_entity_src_gen.pdbx_gene_src_organ                ? 
_entity_src_gen.pdbx_gene_src_organelle            ? 
_entity_src_gen.pdbx_gene_src_cell                 ? 
_entity_src_gen.pdbx_gene_src_cellular_location    ? 
_entity_src_gen.host_org_common_name               ? 
_entity_src_gen.pdbx_host_org_scientific_name      'Escherichia coli' 
_entity_src_gen.pdbx_host_org_ncbi_taxonomy_id     469008 
_entity_src_gen.host_org_genus                     ? 
_entity_src_gen.pdbx_host_org_gene                 ? 
_entity_src_gen.pdbx_host_org_organ                ? 
_entity_src_gen.host_org_species                   ? 
_entity_src_gen.pdbx_host_org_tissue               ? 
_entity_src_gen.pdbx_host_org_tissue_fraction      ? 
_entity_src_gen.pdbx_host_org_strain               'BL21(DE3) magic' 
_entity_src_gen.pdbx_host_org_variant              ? 
_entity_src_gen.pdbx_host_org_cell_line            ? 
_entity_src_gen.pdbx_host_org_atcc                 ? 
_entity_src_gen.pdbx_host_org_culture_collection   ? 
_entity_src_gen.pdbx_host_org_cell                 ? 
_entity_src_gen.pdbx_host_org_organelle            ? 
_entity_src_gen.pdbx_host_org_cellular_location    ? 
_entity_src_gen.pdbx_host_org_vector_type          plasmid 
_entity_src_gen.pdbx_host_org_vector               ? 
_entity_src_gen.host_org_details                   ? 
_entity_src_gen.expression_system_id               ? 
_entity_src_gen.plasmid_name                       pMCSG68 
_entity_src_gen.plasmid_details                    ? 
_entity_src_gen.pdbx_description                   ? 
# 
loop_
_chem_comp.id 
_chem_comp.type 
_chem_comp.mon_nstd_flag 
_chem_comp.name 
_chem_comp.pdbx_synonyms 
_chem_comp.formula 
_chem_comp.formula_weight 
ALA 'L-peptide linking' y ALANINE                            ? 'C3 H7 N O2'     89.093  
ARG 'L-peptide linking' y ARGININE                           ? 'C6 H15 N4 O2 1' 175.209 
ASN 'L-peptide linking' y ASPARAGINE                         ? 'C4 H8 N2 O3'    132.118 
ASP 'L-peptide linking' y 'ASPARTIC ACID'                    ? 'C4 H7 N O4'     133.103 
CL  non-polymer         . 'CHLORIDE ION'                     ? 'Cl -1'          35.453  
CME 'L-peptide linking' n 'S,S-(2-HYDROXYETHYL)THIOCYSTEINE' ? 'C5 H11 N O3 S2' 197.276 
GLN 'L-peptide linking' y GLUTAMINE                          ? 'C5 H10 N2 O3'   146.144 
GLU 'L-peptide linking' y 'GLUTAMIC ACID'                    ? 'C5 H9 N O4'     147.129 
GLY 'peptide linking'   y GLYCINE                            ? 'C2 H5 N O2'     75.067  
HIS 'L-peptide linking' y HISTIDINE                          ? 'C6 H10 N3 O2 1' 156.162 
HOH non-polymer         . WATER                              ? 'H2 O'           18.015  
ILE 'L-peptide linking' y ISOLEUCINE                         ? 'C6 H13 N O2'    131.173 
LEU 'L-peptide linking' y LEUCINE                            ? 'C6 H13 N O2'    131.173 
LYS 'L-peptide linking' y LYSINE                             ? 'C6 H15 N2 O2 1' 147.195 
MSE 'L-peptide linking' n SELENOMETHIONINE                   ? 'C5 H11 N O2 Se' 196.106 
PHE 'L-peptide linking' y PHENYLALANINE                      ? 'C9 H11 N O2'    165.189 
PRO 'L-peptide linking' y PROLINE                            ? 'C5 H9 N O2'     115.130 
SER 'L-peptide linking' y SERINE                             ? 'C3 H7 N O3'     105.093 
THR 'L-peptide linking' y THREONINE                          ? 'C4 H9 N O3'     119.119 
TYR 'L-peptide linking' y TYROSINE                           ? 'C9 H11 N O3'    181.189 
VAL 'L-peptide linking' y VALINE                             ? 'C5 H11 N O2'    117.146 
# 
loop_
_pdbx_poly_seq_scheme.asym_id 
_pdbx_poly_seq_scheme.entity_id 
_pdbx_poly_seq_scheme.seq_id 
_pdbx_poly_seq_scheme.mon_id 
_pdbx_poly_seq_scheme.ndb_seq_num 
_pdbx_poly_seq_scheme.pdb_seq_num 
_pdbx_poly_seq_scheme.auth_seq_num 
_pdbx_poly_seq_scheme.pdb_mon_id 
_pdbx_poly_seq_scheme.auth_mon_id 
_pdbx_poly_seq_scheme.pdb_strand_id 
_pdbx_poly_seq_scheme.pdb_ins_code 
_pdbx_poly_seq_scheme.hetero 
A 1 1  MSE 1  1  1  MSE MSE A . n 
A 1 2  LEU 2  2  2  LEU LEU A . n 
A 1 3  ASP 3  3  3  ASP ASP A . n 
A 1 4  PHE 4  4  4  PHE PHE A . n 
A 1 5  ARG 5  5  5  ARG ARG A . n 
A 1 6  VAL 6  6  6  VAL VAL A . n 
A 1 7  GLU 7  7  7  GLU GLU A . n 
A 1 8  THR 8  8  8  THR THR A . n 
A 1 9  PHE 9  9  9  PHE PHE A . n 
A 1 10 LEU 10 10 10 LEU LEU A . n 
A 1 11 THR 11 11 11 THR THR A . n 
A 1 12 VAL 12 12 12 VAL VAL A . n 
A 1 13 CME 13 13 13 CME CME A . n 
A 1 14 ARG 14 14 14 ARG ARG A . n 
A 1 15 THR 15 15 15 THR THR A . n 
A 1 16 MSE 16 16 16 MSE MSE A . n 
A 1 17 ASN 17 17 17 ASN ASN A . n 
A 1 18 TYR 18 18 18 TYR TYR A . n 
A 1 19 THR 19 19 19 THR THR A . n 
A 1 20 ARG 20 20 20 ARG ARG A . n 
A 1 21 ALA 21 21 21 ALA ALA A . n 
A 1 22 ALA 22 22 22 ALA ALA A . n 
A 1 23 GLU 23 23 23 GLU GLU A . n 
A 1 24 GLU 24 24 24 GLU GLU A . n 
A 1 25 LEU 25 25 25 LEU LEU A . n 
A 1 26 ASN 26 26 26 ASN ASN A . n 
A 1 27 ILE 27 27 27 ILE ILE A . n 
A 1 28 THR 28 28 28 THR THR A . n 
A 1 29 GLN 29 29 29 GLN GLN A . n 
A 1 30 PRO 30 30 30 PRO PRO A . n 
A 1 31 ALA 31 31 31 ALA ALA A . n 
A 1 32 VAL 32 32 32 VAL VAL A . n 
A 1 33 SER 33 33 33 SER SER A . n 
A 1 34 GLN 34 34 34 GLN GLN A . n 
A 1 35 HIS 35 35 35 HIS HIS A . n 
A 1 36 ILE 36 36 36 ILE ILE A . n 
A 1 37 ALA 37 37 37 ALA ALA A . n 
A 1 38 HIS 38 38 38 HIS HIS A . n 
A 1 39 LEU 39 39 39 LEU LEU A . n 
A 1 40 GLU 40 40 40 GLU GLU A . n 
A 1 41 ARG 41 41 41 ARG ARG A . n 
A 1 42 ASP 42 42 42 ASP ASP A . n 
A 1 43 TYR 43 43 43 TYR TYR A . n 
A 1 44 GLY 44 44 44 GLY GLY A . n 
A 1 45 VAL 45 45 45 VAL VAL A . n 
A 1 46 PRO 46 46 46 PRO PRO A . n 
A 1 47 LEU 47 47 47 LEU LEU A . n 
A 1 48 PHE 48 48 48 PHE PHE A . n 
A 1 49 ALA 49 49 49 ALA ALA A . n 
A 1 50 TYR 50 50 50 TYR TYR A . n 
A 1 51 ARG 51 51 51 ARG ARG A . n 
A 1 52 ASN 52 52 52 ASN ASN A . n 
A 1 53 LYS 53 53 53 LYS LYS A . n 
A 1 54 LYS 54 54 54 LYS LYS A . n 
A 1 55 LEU 55 55 55 LEU LEU A . n 
A 1 56 GLN 56 56 56 GLN GLN A . n 
A 1 57 LEU 57 57 57 LEU LEU A . n 
A 1 58 THR 58 58 58 THR THR A . n 
A 1 59 ASP 59 59 59 ASP ASP A . n 
A 1 60 ALA 60 60 60 ALA ALA A . n 
A 1 61 GLY 61 61 61 GLY GLY A . n 
A 1 62 ALA 62 62 62 ALA ALA A . n 
A 1 63 LEU 63 63 63 LEU LEU A . n 
A 1 64 LEU 64 64 64 LEU LEU A . n 
A 1 65 ARG 65 65 65 ARG ARG A . n 
A 1 66 ASP 66 66 66 ASP ASP A . n 
A 1 67 ALA 67 67 67 ALA ALA A . n 
A 1 68 LEU 68 68 68 LEU LEU A . n 
A 1 69 SER 69 69 69 SER SER A . n 
A 1 70 THR 70 70 70 THR THR A . n 
# 
loop_
_pdbx_nonpoly_scheme.asym_id 
_pdbx_nonpoly_scheme.entity_id 
_pdbx_nonpoly_scheme.mon_id 
_pdbx_nonpoly_scheme.ndb_seq_num 
_pdbx_nonpoly_scheme.pdb_seq_num 
_pdbx_nonpoly_scheme.auth_seq_num 
_pdbx_nonpoly_scheme.pdb_mon_id 
_pdbx_nonpoly_scheme.auth_mon_id 
_pdbx_nonpoly_scheme.pdb_strand_id 
_pdbx_nonpoly_scheme.pdb_ins_code 
B 2 CL  1  101 1  CL  CL  A . 
C 3 HOH 1  201 2  HOH HOH A . 
C 3 HOH 2  202 3  HOH HOH A . 
C 3 HOH 3  203 4  HOH HOH A . 
C 3 HOH 4  204 5  HOH HOH A . 
C 3 HOH 5  205 6  HOH HOH A . 
C 3 HOH 6  206 7  HOH HOH A . 
C 3 HOH 7  207 8  HOH HOH A . 
C 3 HOH 8  208 9  HOH HOH A . 
C 3 HOH 9  209 10 HOH HOH A . 
C 3 HOH 10 210 11 HOH HOH A . 
C 3 HOH 11 211 12 HOH HOH A . 
C 3 HOH 12 212 13 HOH HOH A . 
C 3 HOH 13 213 14 HOH HOH A . 
C 3 HOH 14 214 15 HOH HOH A . 
C 3 HOH 15 215 16 HOH HOH A . 
C 3 HOH 16 216 17 HOH HOH A . 
C 3 HOH 17 217 18 HOH HOH A . 
C 3 HOH 18 218 19 HOH HOH A . 
C 3 HOH 19 219 20 HOH HOH A . 
C 3 HOH 20 220 21 HOH HOH A . 
C 3 HOH 21 221 22 HOH HOH A . 
C 3 HOH 22 222 23 HOH HOH A . 
C 3 HOH 23 223 24 HOH HOH A . 
C 3 HOH 24 224 25 HOH HOH A . 
C 3 HOH 25 225 26 HOH HOH A . 
C 3 HOH 26 226 27 HOH HOH A . 
C 3 HOH 27 227 28 HOH HOH A . 
C 3 HOH 28 228 29 HOH HOH A . 
C 3 HOH 29 229 30 HOH HOH A . 
C 3 HOH 30 230 31 HOH HOH A . 
C 3 HOH 31 231 32 HOH HOH A . 
C 3 HOH 32 232 33 HOH HOH A . 
C 3 HOH 33 233 34 HOH HOH A . 
C 3 HOH 34 234 35 HOH HOH A . 
C 3 HOH 35 235 36 HOH HOH A . 
C 3 HOH 36 236 37 HOH HOH A . 
C 3 HOH 37 237 38 HOH HOH A . 
C 3 HOH 38 238 39 HOH HOH A . 
C 3 HOH 39 239 40 HOH HOH A . 
C 3 HOH 40 240 41 HOH HOH A . 
C 3 HOH 41 241 42 HOH HOH A . 
C 3 HOH 42 242 43 HOH HOH A . 
C 3 HOH 43 243 44 HOH HOH A . 
C 3 HOH 44 244 45 HOH HOH A . 
C 3 HOH 45 245 46 HOH HOH A . 
C 3 HOH 46 246 47 HOH HOH A . 
C 3 HOH 47 247 48 HOH HOH A . 
C 3 HOH 48 248 49 HOH HOH A . 
C 3 HOH 49 249 50 HOH HOH A . 
C 3 HOH 50 250 51 HOH HOH A . 
C 3 HOH 51 251 52 HOH HOH A . 
C 3 HOH 52 252 53 HOH HOH A . 
C 3 HOH 53 253 54 HOH HOH A . 
C 3 HOH 54 254 55 HOH HOH A . 
C 3 HOH 55 255 56 HOH HOH A . 
C 3 HOH 56 256 57 HOH HOH A . 
C 3 HOH 57 257 58 HOH HOH A . 
C 3 HOH 58 258 59 HOH HOH A . 
C 3 HOH 59 259 60 HOH HOH A . 
C 3 HOH 60 260 61 HOH HOH A . 
C 3 HOH 61 261 62 HOH HOH A . 
C 3 HOH 62 262 63 HOH HOH A . 
C 3 HOH 63 263 64 HOH HOH A . 
C 3 HOH 64 264 65 HOH HOH A . 
# 
loop_
_software.name 
_software.classification 
_software.version 
_software.citation_id 
_software.pdbx_ordinal 
Blu-Ice  'data collection' Max      ? 1 
HKL-3000 phasing           .        ? 2 
REFMAC   refinement        5.7.0029 ? 3 
HKL-3000 'data reduction'  .        ? 4 
HKL-3000 'data scaling'    .        ? 5 
# 
_cell.entry_id           4PZJ 
_cell.length_a           31.623 
_cell.length_b           31.623 
_cell.length_c           132.340 
_cell.angle_alpha        90.00 
_cell.angle_beta         90.00 
_cell.angle_gamma        90.00 
_cell.Z_PDB              8 
_cell.pdbx_unique_axis   ? 
_cell.length_a_esd       ? 
_cell.length_b_esd       ? 
_cell.length_c_esd       ? 
_cell.angle_alpha_esd    ? 
_cell.angle_beta_esd     ? 
_cell.angle_gamma_esd    ? 
# 
_symmetry.entry_id                         4PZJ 
_symmetry.space_group_name_H-M             'P 43 21 2' 
_symmetry.pdbx_full_space_group_name_H-M   ? 
_symmetry.cell_setting                     ? 
_symmetry.Int_Tables_number                96 
_symmetry.space_group_name_Hall            ? 
# 
_exptl.entry_id          4PZJ 
_exptl.method            'X-RAY DIFFRACTION' 
_exptl.crystals_number   1 
# 
_exptl_crystal.id                    1 
_exptl_crystal.density_meas          ? 
_exptl_crystal.density_Matthews      2.02 
_exptl_crystal.density_percent_sol   39.19 
_exptl_crystal.description           ? 
_exptl_crystal.F_000                 ? 
_exptl_crystal.preparation           ? 
# 
_exptl_crystal_grow.crystal_id      1 
_exptl_crystal_grow.method          'VAPOR DIFFUSION, SITTING DROP' 
_exptl_crystal_grow.temp            295 
_exptl_crystal_grow.temp_details    ? 
_exptl_crystal_grow.pH              8.5 
_exptl_crystal_grow.pdbx_details    
;protein at 1.3 mg/mL in 10 mM Tris-HCl pH 8.3, 500 mM NaCl, 5 mM BME.   
crystallization: The Classics II Suite (A12 (#12): 100 mM Tris pH 8.5, 3 M NaCl), VAPOR DIFFUSION, SITTING DROP, temperature 295K. Cryo condition: 25% (final) sucrose.
;
_exptl_crystal_grow.pdbx_pH_range   ? 
# 
_diffrn.id                     1 
_diffrn.ambient_temp           100 
_diffrn.ambient_temp_details   ? 
_diffrn.crystal_id             1 
# 
_diffrn_detector.diffrn_id              1 
_diffrn_detector.detector               CCD 
_diffrn_detector.details                Mirror 
_diffrn_detector.type                   'MARMOSAIC 300 mm CCD' 
_diffrn_detector.pdbx_collection_date   2014-03-20 
# 
_diffrn_radiation.diffrn_id                        1 
_diffrn_radiation.wavelength_id                    1 
_diffrn_radiation.pdbx_monochromatic_or_laue_m_l   M 
_diffrn_radiation.monochromator                    'Si(111)' 
_diffrn_radiation.pdbx_diffrn_protocol             'SINGLE WAVELENGTH' 
_diffrn_radiation.pdbx_scattering_type             x-ray 
# 
_diffrn_radiation_wavelength.id           1 
_diffrn_radiation_wavelength.wavelength   0.97875 
_diffrn_radiation_wavelength.wt           1.0 
# 
_diffrn_source.diffrn_id                   1 
_diffrn_source.source                      SYNCHROTRON 
_diffrn_source.type                        'APS BEAMLINE 21-ID-D' 
_diffrn_source.pdbx_synchrotron_site       APS 
_diffrn_source.pdbx_synchrotron_beamline   21-ID-D 
_diffrn_source.pdbx_wavelength             ? 
_diffrn_source.pdbx_wavelength_list        0.97875 
# 
_reflns.pdbx_chi_squared             ? 
_reflns.pdbx_scaling_rejects         ? 
_reflns.limit_k_max                  ? 
_reflns.d_resolution_high            1.60 
_reflns.observed_criterion_F_min     ? 
_reflns.pdbx_netI_over_sigmaI        51.2 
_reflns.observed_criterion_F_max     ? 
_reflns.pdbx_Rmerge_I_obs            0.077 
_reflns.limit_l_max                  ? 
_reflns.limit_k_min                  ? 
_reflns.entry_id                     4PZJ 
_reflns.B_iso_Wilson_estimate        21.5 
_reflns.percent_possible_obs         98.1 
_reflns.pdbx_Rsym_value              0.077 
_reflns.observed_criterion_sigma_I   -3.0 
_reflns.observed_criterion_sigma_F   ? 
_reflns.limit_l_min                  ? 
_reflns.limit_h_min                  ? 
_reflns.R_free_details               ? 
_reflns.number_all                   9452 
_reflns.d_resolution_low             30.00 
_reflns.pdbx_redundancy              12.2 
_reflns.number_obs                   9452 
_reflns.limit_h_max                  ? 
_reflns.pdbx_ordinal                 1 
_reflns.pdbx_diffrn_id               1 
# 
_reflns_shell.d_res_high             1.60 
_reflns_shell.d_res_low              1.63 
_reflns_shell.percent_possible_all   85.7 
_reflns_shell.Rmerge_I_obs           0.496 
_reflns_shell.pdbx_Rsym_value        0.496 
_reflns_shell.meanI_over_sigI_obs    3.42 
_reflns_shell.pdbx_redundancy        7.7 
_reflns_shell.percent_possible_obs   ? 
_reflns_shell.number_unique_all      377 
_reflns_shell.number_measured_all    ? 
_reflns_shell.number_measured_obs    ? 
_reflns_shell.number_unique_obs      ? 
_reflns_shell.pdbx_chi_squared       ? 
_reflns_shell.pdbx_ordinal           1 
_reflns_shell.pdbx_diffrn_id         1 
# 
_refine.ls_percent_reflns_R_free                 4.8 
_refine.overall_SU_B                             2.221 
_refine.pdbx_solvent_vdw_probe_radii             1.20 
_refine.pdbx_R_Free_selection_details            RANDOM 
_refine.overall_FOM_free_R_set                   ? 
_refine.pdbx_data_cutoff_low_absF                ? 
_refine.entry_id                                 4PZJ 
_refine.aniso_B[2][3]                            -0.00 
_refine.overall_SU_R_Cruickshank_DPI             ? 
_refine.overall_SU_ML                            0.076 
_refine.aniso_B[1][3]                            0.00 
_refine.pdbx_stereochemistry_target_values       'MAXIMUM LIKELIHOOD' 
_refine.aniso_B[3][3]                            -4.39 
_refine.solvent_model_param_ksol                 ? 
_refine.ls_number_restraints                     ? 
_refine.aniso_B[1][1]                            2.19 
_refine.pdbx_overall_ESU_R                       0.099 
_refine.ls_R_factor_obs                          0.19072 
_refine.occupancy_min                            ? 
_refine.pdbx_solvent_ion_probe_radii             0.80 
_refine.pdbx_starting_model                      ? 
_refine.ls_wR_factor_R_free                      ? 
_refine.ls_wR_factor_R_work                      ? 
_refine.pdbx_isotropic_thermal_model             Isotropic 
_refine.pdbx_method_to_determine_struct          SAD 
_refine.occupancy_max                            ? 
_refine.pdbx_solvent_shrinkage_radii             0.80 
_refine.correlation_coeff_Fo_to_Fc               0.969 
_refine.ls_number_reflns_R_free                  452 
_refine.correlation_coeff_Fo_to_Fc_free          0.951 
_refine.pdbx_ls_sigma_F                          . 
_refine.ls_percent_reflns_obs                    98.20 
_refine.ls_R_factor_R_work                       0.18955 
_refine.overall_SU_R_free                        ? 
_refine.ls_d_res_high                            1.60 
_refine.pdbx_overall_ESU_R_Free                  0.094 
_refine.B_iso_min                                ? 
_refine.pdbx_ls_cross_valid_method               THROUGHOUT 
_refine.B_iso_mean                               30.482 
_refine.pdbx_stereochem_target_val_spec_case     ? 
_refine.ls_R_factor_all                          ? 
_refine.aniso_B[2][2]                            2.19 
_refine.B_iso_max                                ? 
_refine.pdbx_ls_sigma_I                          ? 
_refine.ls_d_res_low                             28.55 
_refine.pdbx_overall_phase_error                 ? 
_refine.solvent_model_details                    'BABINET MODEL WITH MASK' 
_refine.aniso_B[1][2]                            0.00 
_refine.ls_R_factor_R_free                       0.21322 
_refine.ls_R_factor_R_free_error                 ? 
_refine.ls_number_reflns_obs                     8945 
_refine.overall_FOM_work_R_set                   ? 
_refine.ls_number_parameters                     ? 
_refine.details                                  'HYDROGENS HAVE BEEN ADDED IN THE RIDING POSITIONS' 
_refine.ls_number_reflns_all                     8945 
_refine.ls_redundancy_reflns_obs                 ? 
_refine.pdbx_data_cutoff_high_absF               ? 
_refine.solvent_model_param_bsol                 ? 
_refine.ls_R_factor_R_free_error_details         ? 
_refine.pdbx_data_cutoff_high_rms_absF           ? 
_refine.pdbx_diffrn_id                           1 
_refine.pdbx_refine_id                           'X-RAY DIFFRACTION' 
_refine.pdbx_TLS_residual_ADP_flag               ? 
_refine.pdbx_overall_SU_R_free_Cruickshank_DPI   ? 
_refine.pdbx_overall_SU_R_Blow_DPI               ? 
_refine.pdbx_overall_SU_R_free_Blow_DPI          ? 
# 
_refine_hist.pdbx_refine_id                   'X-RAY DIFFRACTION' 
_refine_hist.cycle_id                         LAST 
_refine_hist.pdbx_number_atoms_protein        565 
_refine_hist.pdbx_number_atoms_nucleic_acid   0 
_refine_hist.pdbx_number_atoms_ligand         1 
_refine_hist.number_atoms_solvent             64 
_refine_hist.number_atoms_total               630 
_refine_hist.d_res_high                       1.60 
_refine_hist.d_res_low                        28.55 
# 
loop_
_refine_ls_restr.type 
_refine_ls_restr.dev_ideal 
_refine_ls_restr.dev_ideal_target 
_refine_ls_restr.weight 
_refine_ls_restr.number 
_refine_ls_restr.pdbx_restraint_function 
_refine_ls_restr.pdbx_refine_id 
r_bond_refined_d       0.015  0.019  ? 594  ? 'X-RAY DIFFRACTION' 
r_bond_other_d         0.001  0.020  ? 578  ? 'X-RAY DIFFRACTION' 
r_angle_refined_deg    2.141  1.993  ? 805  ? 'X-RAY DIFFRACTION' 
r_angle_other_deg      0.863  3.000  ? 1322 ? 'X-RAY DIFFRACTION' 
r_dihedral_angle_1_deg 3.439  5.000  ? 73   ? 'X-RAY DIFFRACTION' 
r_dihedral_angle_2_deg 27.563 22.857 ? 28   ? 'X-RAY DIFFRACTION' 
r_dihedral_angle_3_deg 10.521 15.000 ? 94   ? 'X-RAY DIFFRACTION' 
r_dihedral_angle_4_deg 17.259 15.000 ? 6    ? 'X-RAY DIFFRACTION' 
r_chiral_restr         0.098  0.200  ? 94   ? 'X-RAY DIFFRACTION' 
r_gen_planes_refined   0.008  0.020  ? 668  ? 'X-RAY DIFFRACTION' 
r_gen_planes_other     0.002  0.020  ? 142  ? 'X-RAY DIFFRACTION' 
# 
_refine_ls_shell.pdbx_total_number_of_bins_used   20 
_refine_ls_shell.d_res_high                       1.602 
_refine_ls_shell.d_res_low                        1.643 
_refine_ls_shell.number_reflns_R_work             583 
_refine_ls_shell.R_factor_R_work                  0.307 
_refine_ls_shell.percent_reflns_obs               90.29 
_refine_ls_shell.R_factor_R_free                  0.344 
_refine_ls_shell.R_factor_R_free_error            ? 
_refine_ls_shell.percent_reflns_R_free            ? 
_refine_ls_shell.number_reflns_R_free             31 
_refine_ls_shell.number_reflns_all                ? 
_refine_ls_shell.R_factor_all                     ? 
_refine_ls_shell.number_reflns_obs                583 
_refine_ls_shell.redundancy_reflns_obs            ? 
_refine_ls_shell.pdbx_refine_id                   'X-RAY DIFFRACTION' 
# 
_struct.entry_id                  4PZJ 
_struct.title                     
'1.60 Angstrom resolution crystal structure of a transcriptional regulator of the LysR family from Eggerthella lenta DSM 2243' 
_struct.pdbx_model_details        ? 
_struct.pdbx_CASP_flag            ? 
_struct.pdbx_model_type_details   ? 
# 
_struct_keywords.pdbx_keywords   TRANSCRIPTION 
_struct_keywords.text            'STRUCTURAL GENOMICS, PSI-BIOLOGY, MIDWEST CENTER FOR STRUCTURAL GENOMICS, MCSG, Transcription' 
_struct_keywords.entry_id        4PZJ 
# 
loop_
_struct_asym.id 
_struct_asym.pdbx_blank_PDB_chainid_flag 
_struct_asym.pdbx_modified 
_struct_asym.entity_id 
_struct_asym.details 
A N N 1 ? 
B N N 2 ? 
C N N 3 ? 
# 
_struct_ref.id                         1 
_struct_ref.db_name                    UNP 
_struct_ref.db_code                    C8WJY2_EGGLE 
_struct_ref.pdbx_db_accession          C8WJY2 
_struct_ref.entity_id                  1 
_struct_ref.pdbx_seq_one_letter_code   MLDFRVETFLTVCRTMNYTRAAEELNITQPAVSQHIAHLERDYGVPLFAYRNKKLQLTDAGALLRDALST 
_struct_ref.pdbx_align_begin           1 
_struct_ref.pdbx_db_isoform            ? 
# 
_struct_ref_seq.align_id                      1 
_struct_ref_seq.ref_id                        1 
_struct_ref_seq.pdbx_PDB_id_code              4PZJ 
_struct_ref_seq.pdbx_strand_id                A 
_struct_ref_seq.seq_align_beg                 1 
_struct_ref_seq.pdbx_seq_align_beg_ins_code   ? 
_struct_ref_seq.seq_align_end                 70 
_struct_ref_seq.pdbx_seq_align_end_ins_code   ? 
_struct_ref_seq.pdbx_db_accession             C8WJY2 
_struct_ref_seq.db_align_beg                  1 
_struct_ref_seq.pdbx_db_align_beg_ins_code    ? 
_struct_ref_seq.db_align_end                  70 
_struct_ref_seq.pdbx_db_align_end_ins_code    ? 
_struct_ref_seq.pdbx_auth_seq_align_beg       1 
_struct_ref_seq.pdbx_auth_seq_align_end       70 
# 
_pdbx_struct_assembly.id                   1 
_pdbx_struct_assembly.details              author_and_software_defined_assembly 
_pdbx_struct_assembly.method_details       PISA 
_pdbx_struct_assembly.oligomeric_details   dimeric 
_pdbx_struct_assembly.oligomeric_count     2 
# 
loop_
_pdbx_struct_assembly_prop.biol_id 
_pdbx_struct_assembly_prop.type 
_pdbx_struct_assembly_prop.value 
_pdbx_struct_assembly_prop.details 
1 'ABSA (A^2)' 1570 ? 
1 MORE         -33  ? 
1 'SSA (A^2)'  8160 ? 
# 
_pdbx_struct_assembly_gen.assembly_id       1 
_pdbx_struct_assembly_gen.oper_expression   1,2 
_pdbx_struct_assembly_gen.asym_id_list      A,B,C 
# 
loop_
_pdbx_struct_oper_list.id 
_pdbx_struct_oper_list.type 
_pdbx_struct_oper_list.name 
_pdbx_struct_oper_list.symmetry_operation 
_pdbx_struct_oper_list.matrix[1][1] 
_pdbx_struct_oper_list.matrix[1][2] 
_pdbx_struct_oper_list.matrix[1][3] 
_pdbx_struct_oper_list.vector[1] 
_pdbx_struct_oper_list.matrix[2][1] 
_pdbx_struct_oper_list.matrix[2][2] 
_pdbx_struct_oper_list.matrix[2][3] 
_pdbx_struct_oper_list.vector[2] 
_pdbx_struct_oper_list.matrix[3][1] 
_pdbx_struct_oper_list.matrix[3][2] 
_pdbx_struct_oper_list.matrix[3][3] 
_pdbx_struct_oper_list.vector[3] 
1 'identity operation'         1_555 x,y,z            1.0000000000  0.0000000000 0.0000000000 0.0000000000  0.0000000000 1.0000000000 0.0000000000 0.0000000000  0.0000000000 0.0000000000 1.0000000000  0.0000000000 
2 'crystal symmetry operation' 8_665 -y+1,-x+1,-z+1/2 -0.7723705945 0.6257900801 0.1087678277 21.6905149038 0.6257900801 0.7203982216 0.2990203638 -9.0934620608 0.1087678277 0.2990203638 -0.9480276271 6.9248357271 
# 
_struct_biol.id        1 
_struct_biol.details   ? 
# 
loop_
_struct_conf.conf_type_id 
_struct_conf.id 
_struct_conf.pdbx_PDB_helix_id 
_struct_conf.beg_label_comp_id 
_struct_conf.beg_label_asym_id 
_struct_conf.beg_label_seq_id 
_struct_conf.pdbx_beg_PDB_ins_code 
_struct_conf.end_label_comp_id 
_struct_conf.end_label_asym_id 
_struct_conf.end_label_seq_id 
_struct_conf.pdbx_end_PDB_ins_code 
_struct_conf.beg_auth_comp_id 
_struct_conf.beg_auth_asym_id 
_struct_conf.beg_auth_seq_id 
_struct_conf.end_auth_comp_id 
_struct_conf.end_auth_asym_id 
_struct_conf.end_auth_seq_id 
_struct_conf.pdbx_PDB_helix_class 
_struct_conf.details 
_struct_conf.pdbx_PDB_helix_length 
HELX_P HELX_P1 1 LEU A 2  ? MSE A 16 ? LEU A 2  MSE A 16 1 ? 15 
HELX_P HELX_P2 2 ASN A 17 ? ASN A 26 ? ASN A 17 ASN A 26 1 ? 10 
HELX_P HELX_P3 3 THR A 28 ? GLY A 44 ? THR A 28 GLY A 44 1 ? 17 
HELX_P HELX_P4 4 THR A 58 ? SER A 69 ? THR A 58 SER A 69 1 ? 12 
# 
_struct_conf_type.id          HELX_P 
_struct_conf_type.criteria    ? 
_struct_conf_type.reference   ? 
# 
loop_
_struct_conn.id 
_struct_conn.conn_type_id 
_struct_conn.pdbx_leaving_atom_flag 
_struct_conn.pdbx_PDB_id 
_struct_conn.ptnr1_label_asym_id 
_struct_conn.ptnr1_label_comp_id 
_struct_conn.ptnr1_label_seq_id 
_struct_conn.ptnr1_label_atom_id 
_struct_conn.pdbx_ptnr1_label_alt_id 
_struct_conn.pdbx_ptnr1_PDB_ins_code 
_struct_conn.pdbx_ptnr1_standard_comp_id 
_struct_conn.ptnr1_symmetry 
_struct_conn.ptnr2_label_asym_id 
_struct_conn.ptnr2_label_comp_id 
_struct_conn.ptnr2_label_seq_id 
_struct_conn.ptnr2_label_atom_id 
_struct_conn.pdbx_ptnr2_label_alt_id 
_struct_conn.pdbx_ptnr2_PDB_ins_code 
_struct_conn.ptnr1_auth_asym_id 
_struct_conn.ptnr1_auth_comp_id 
_struct_conn.ptnr1_auth_seq_id 
_struct_conn.ptnr2_auth_asym_id 
_struct_conn.ptnr2_auth_comp_id 
_struct_conn.ptnr2_auth_seq_id 
_struct_conn.ptnr2_symmetry 
_struct_conn.pdbx_ptnr3_label_atom_id 
_struct_conn.pdbx_ptnr3_label_seq_id 
_struct_conn.pdbx_ptnr3_label_comp_id 
_struct_conn.pdbx_ptnr3_label_asym_id 
_struct_conn.pdbx_ptnr3_label_alt_id 
_struct_conn.pdbx_ptnr3_PDB_ins_code 
_struct_conn.details 
_struct_conn.pdbx_dist_value 
_struct_conn.pdbx_value_order 
_struct_conn.pdbx_role 
covale1 covale both ? A MSE 1  C ? ? ? 1_555 A LEU 2  N ? ? A MSE 1  A LEU 2  1_555 ? ? ? ? ? ? ? 1.326 ? ? 
covale2 covale both ? A VAL 12 C ? ? ? 1_555 A CME 13 N A ? A VAL 12 A CME 13 1_555 ? ? ? ? ? ? ? 1.346 ? ? 
covale3 covale both ? A VAL 12 C ? ? ? 1_555 A CME 13 N B ? A VAL 12 A CME 13 1_555 ? ? ? ? ? ? ? 1.302 ? ? 
covale4 covale both ? A CME 13 C A ? ? 1_555 A ARG 14 N ? ? A CME 13 A ARG 14 1_555 ? ? ? ? ? ? ? 1.340 ? ? 
covale5 covale both ? A CME 13 C B ? ? 1_555 A ARG 14 N ? ? A CME 13 A ARG 14 1_555 ? ? ? ? ? ? ? 1.308 ? ? 
covale6 covale both ? A THR 15 C ? ? ? 1_555 A MSE 16 N ? ? A THR 15 A MSE 16 1_555 ? ? ? ? ? ? ? 1.332 ? ? 
covale7 covale both ? A MSE 16 C ? ? ? 1_555 A ASN 17 N ? ? A MSE 16 A ASN 17 1_555 ? ? ? ? ? ? ? 1.328 ? ? 
# 
_struct_conn_type.id          covale 
_struct_conn_type.criteria    ? 
_struct_conn_type.reference   ? 
# 
loop_
_pdbx_modification_feature.ordinal 
_pdbx_modification_feature.label_comp_id 
_pdbx_modification_feature.label_asym_id 
_pdbx_modification_feature.label_seq_id 
_pdbx_modification_feature.label_alt_id 
_pdbx_modification_feature.modified_residue_label_comp_id 
_pdbx_modification_feature.modified_residue_label_asym_id 
_pdbx_modification_feature.modified_residue_label_seq_id 
_pdbx_modification_feature.modified_residue_label_alt_id 
_pdbx_modification_feature.auth_comp_id 
_pdbx_modification_feature.auth_asym_id 
_pdbx_modification_feature.auth_seq_id 
_pdbx_modification_feature.PDB_ins_code 
_pdbx_modification_feature.symmetry 
_pdbx_modification_feature.modified_residue_auth_comp_id 
_pdbx_modification_feature.modified_residue_auth_asym_id 
_pdbx_modification_feature.modified_residue_auth_seq_id 
_pdbx_modification_feature.modified_residue_PDB_ins_code 
_pdbx_modification_feature.modified_residue_symmetry 
_pdbx_modification_feature.comp_id_linking_atom 
_pdbx_modification_feature.modified_residue_id_linking_atom 
_pdbx_modification_feature.modified_residue_id 
_pdbx_modification_feature.ref_pcm_id 
_pdbx_modification_feature.ref_comp_id 
_pdbx_modification_feature.type 
_pdbx_modification_feature.category 
1 MSE A 1  ? . . . . MSE A 1  ? 1_555 . . . . . . . MET 1 MSE Selenomethionine     'Named protein modification' 
2 CME A 13 A . . . . CME A 13 ? 1_555 . . . . . . . CYS 1 CME Beta-mercaptoethanol 'Named protein modification' 
3 CME A 13 B . . . . CME A 13 ? 1_555 . . . . . . . CYS 1 CME Beta-mercaptoethanol 'Named protein modification' 
4 MSE A 16 ? . . . . MSE A 16 ? 1_555 . . . . . . . MET 1 MSE Selenomethionine     'Named protein modification' 
# 
_struct_sheet.id               A 
_struct_sheet.type             ? 
_struct_sheet.number_strands   2 
_struct_sheet.details          ? 
# 
_struct_sheet_order.sheet_id     A 
_struct_sheet_order.range_id_1   1 
_struct_sheet_order.range_id_2   2 
_struct_sheet_order.offset       ? 
_struct_sheet_order.sense        anti-parallel 
# 
loop_
_struct_sheet_range.sheet_id 
_struct_sheet_range.id 
_struct_sheet_range.beg_label_comp_id 
_struct_sheet_range.beg_label_asym_id 
_struct_sheet_range.beg_label_seq_id 
_struct_sheet_range.pdbx_beg_PDB_ins_code 
_struct_sheet_range.end_label_comp_id 
_struct_sheet_range.end_label_asym_id 
_struct_sheet_range.end_label_seq_id 
_struct_sheet_range.pdbx_end_PDB_ins_code 
_struct_sheet_range.beg_auth_comp_id 
_struct_sheet_range.beg_auth_asym_id 
_struct_sheet_range.beg_auth_seq_id 
_struct_sheet_range.end_auth_comp_id 
_struct_sheet_range.end_auth_asym_id 
_struct_sheet_range.end_auth_seq_id 
A 1 PHE A 48 ? ARG A 51 ? PHE A 48 ARG A 51 
A 2 LYS A 54 ? LEU A 57 ? LYS A 54 LEU A 57 
# 
_pdbx_struct_sheet_hbond.sheet_id                A 
_pdbx_struct_sheet_hbond.range_id_1              1 
_pdbx_struct_sheet_hbond.range_id_2              2 
_pdbx_struct_sheet_hbond.range_1_label_atom_id   N 
_pdbx_struct_sheet_hbond.range_1_label_comp_id   ALA 
_pdbx_struct_sheet_hbond.range_1_label_asym_id   A 
_pdbx_struct_sheet_hbond.range_1_label_seq_id    49 
_pdbx_struct_sheet_hbond.range_1_PDB_ins_code    ? 
_pdbx_struct_sheet_hbond.range_1_auth_atom_id    N 
_pdbx_struct_sheet_hbond.range_1_auth_comp_id    ALA 
_pdbx_struct_sheet_hbond.range_1_auth_asym_id    A 
_pdbx_struct_sheet_hbond.range_1_auth_seq_id     49 
_pdbx_struct_sheet_hbond.range_2_label_atom_id   O 
_pdbx_struct_sheet_hbond.range_2_label_comp_id   GLN 
_pdbx_struct_sheet_hbond.range_2_label_asym_id   A 
_pdbx_struct_sheet_hbond.range_2_label_seq_id    56 
_pdbx_struct_sheet_hbond.range_2_PDB_ins_code    ? 
_pdbx_struct_sheet_hbond.range_2_auth_atom_id    O 
_pdbx_struct_sheet_hbond.range_2_auth_comp_id    GLN 
_pdbx_struct_sheet_hbond.range_2_auth_asym_id    A 
_pdbx_struct_sheet_hbond.range_2_auth_seq_id     56 
# 
_struct_site.id                   AC1 
_struct_site.pdbx_evidence_code   Software 
_struct_site.pdbx_auth_asym_id    A 
_struct_site.pdbx_auth_comp_id    CL 
_struct_site.pdbx_auth_seq_id     101 
_struct_site.pdbx_auth_ins_code   ? 
_struct_site.pdbx_num_residues    2 
_struct_site.details              'BINDING SITE FOR RESIDUE CL A 101' 
# 
loop_
_struct_site_gen.id 
_struct_site_gen.site_id 
_struct_site_gen.pdbx_num_res 
_struct_site_gen.label_comp_id 
_struct_site_gen.label_asym_id 
_struct_site_gen.label_seq_id 
_struct_site_gen.pdbx_auth_ins_code 
_struct_site_gen.auth_comp_id 
_struct_site_gen.auth_asym_id 
_struct_site_gen.auth_seq_id 
_struct_site_gen.label_atom_id 
_struct_site_gen.label_alt_id 
_struct_site_gen.symmetry 
_struct_site_gen.details 
1 AC1 2 TYR A 18 ? TYR A 18 . ? 1_555 ? 
2 AC1 2 TYR A 50 ? TYR A 50 . ? 1_555 ? 
# 
_pdbx_entry_details.entry_id                   4PZJ 
_pdbx_entry_details.nonpolymer_details         ? 
_pdbx_entry_details.sequence_details           
;THE FOLLOWING FULL-LENGTH PROTEIN WAS CRYSTALLIZED, HOWEVER ONLY 70 RESIDUES WERE OBSERVED IN THE CRYSTAL. SEQRES REPRESENTS THE OBSERVED RESIDUES ONLY.  
  MHHHHHHSSGVDLWSHPQFEKGTENLYFQSNAMLDFRVETFLTV(CME)RTMNYTRAAEEL  
NITQPAVSQHIAHLERDYGVPLFAYRNKKLQLTDAGALLRDALSTMAHDERLLRDRMRSSA  
TGARVELSLGMTLTAGEYLVAAPLADYLRRHPELHVAVRSGGTSELLALLNAGEIDCAFVE  
GFFDKNAYAWDVFRTERLVCVCAADHEFAARPVRVEDLFDERLIVREPGSGTRAVLEHALA  
AQNLTVDGFAQASVVESLDVIKILVEHDLGISFLYEAAVARELAAGTLRVIDLEGLAILHD  
IAFIRLKNSVFEREFQNLFADL
;
_pdbx_entry_details.compound_details           ? 
_pdbx_entry_details.source_details             ? 
_pdbx_entry_details.has_ligand_of_interest     ? 
_pdbx_entry_details.has_protein_modification   Y 
# 
_pdbx_validate_torsion.id              1 
_pdbx_validate_torsion.PDB_model_num   1 
_pdbx_validate_torsion.auth_comp_id    ASN 
_pdbx_validate_torsion.auth_asym_id    A 
_pdbx_validate_torsion.auth_seq_id     17 
_pdbx_validate_torsion.PDB_ins_code    ? 
_pdbx_validate_torsion.label_alt_id    ? 
_pdbx_validate_torsion.phi             -160.16 
_pdbx_validate_torsion.psi             110.41 
# 
_pdbx_SG_project.project_name          PSI:Biology 
_pdbx_SG_project.full_name_of_center   'Midwest Center for Structural Genomics' 
_pdbx_SG_project.initial_of_center     MCSG 
_pdbx_SG_project.id                    1 
# 
loop_
_pdbx_struct_mod_residue.id 
_pdbx_struct_mod_residue.label_asym_id 
_pdbx_struct_mod_residue.label_comp_id 
_pdbx_struct_mod_residue.label_seq_id 
_pdbx_struct_mod_residue.auth_asym_id 
_pdbx_struct_mod_residue.auth_comp_id 
_pdbx_struct_mod_residue.auth_seq_id 
_pdbx_struct_mod_residue.PDB_ins_code 
_pdbx_struct_mod_residue.parent_comp_id 
_pdbx_struct_mod_residue.details 
1 A MSE 1  A MSE 1  ? MET SELENOMETHIONINE                   
2 A CME 13 A CME 13 ? CYS 'S,S-(2-HYDROXYETHYL)THIOCYSTEINE' 
3 A MSE 16 A MSE 16 ? MET SELENOMETHIONINE                   
# 
_pdbx_struct_special_symmetry.id              1 
_pdbx_struct_special_symmetry.PDB_model_num   1 
_pdbx_struct_special_symmetry.auth_asym_id    A 
_pdbx_struct_special_symmetry.auth_comp_id    HOH 
_pdbx_struct_special_symmetry.auth_seq_id     224 
_pdbx_struct_special_symmetry.PDB_ins_code    ? 
_pdbx_struct_special_symmetry.label_asym_id   C 
_pdbx_struct_special_symmetry.label_comp_id   HOH 
_pdbx_struct_special_symmetry.label_seq_id    . 
# 
loop_
_chem_comp_atom.comp_id 
_chem_comp_atom.atom_id 
_chem_comp_atom.type_symbol 
_chem_comp_atom.pdbx_aromatic_flag 
_chem_comp_atom.pdbx_stereo_config 
_chem_comp_atom.pdbx_ordinal 
ALA N    N  N N 1   
ALA CA   C  N S 2   
ALA C    C  N N 3   
ALA O    O  N N 4   
ALA CB   C  N N 5   
ALA OXT  O  N N 6   
ALA H    H  N N 7   
ALA H2   H  N N 8   
ALA HA   H  N N 9   
ALA HB1  H  N N 10  
ALA HB2  H  N N 11  
ALA HB3  H  N N 12  
ALA HXT  H  N N 13  
ARG N    N  N N 14  
ARG CA   C  N S 15  
ARG C    C  N N 16  
ARG O    O  N N 17  
ARG CB   C  N N 18  
ARG CG   C  N N 19  
ARG CD   C  N N 20  
ARG NE   N  N N 21  
ARG CZ   C  N N 22  
ARG NH1  N  N N 23  
ARG NH2  N  N N 24  
ARG OXT  O  N N 25  
ARG H    H  N N 26  
ARG H2   H  N N 27  
ARG HA   H  N N 28  
ARG HB2  H  N N 29  
ARG HB3  H  N N 30  
ARG HG2  H  N N 31  
ARG HG3  H  N N 32  
ARG HD2  H  N N 33  
ARG HD3  H  N N 34  
ARG HE   H  N N 35  
ARG HH11 H  N N 36  
ARG HH12 H  N N 37  
ARG HH21 H  N N 38  
ARG HH22 H  N N 39  
ARG HXT  H  N N 40  
ASN N    N  N N 41  
ASN CA   C  N S 42  
ASN C    C  N N 43  
ASN O    O  N N 44  
ASN CB   C  N N 45  
ASN CG   C  N N 46  
ASN OD1  O  N N 47  
ASN ND2  N  N N 48  
ASN OXT  O  N N 49  
ASN H    H  N N 50  
ASN H2   H  N N 51  
ASN HA   H  N N 52  
ASN HB2  H  N N 53  
ASN HB3  H  N N 54  
ASN HD21 H  N N 55  
ASN HD22 H  N N 56  
ASN HXT  H  N N 57  
ASP N    N  N N 58  
ASP CA   C  N S 59  
ASP C    C  N N 60  
ASP O    O  N N 61  
ASP CB   C  N N 62  
ASP CG   C  N N 63  
ASP OD1  O  N N 64  
ASP OD2  O  N N 65  
ASP OXT  O  N N 66  
ASP H    H  N N 67  
ASP H2   H  N N 68  
ASP HA   H  N N 69  
ASP HB2  H  N N 70  
ASP HB3  H  N N 71  
ASP HD2  H  N N 72  
ASP HXT  H  N N 73  
CL  CL   CL N N 74  
CME N    N  N N 75  
CME CA   C  N R 76  
CME CB   C  N N 77  
CME SG   S  N N 78  
CME SD   S  N N 79  
CME CE   C  N N 80  
CME CZ   C  N N 81  
CME OH   O  N N 82  
CME C    C  N N 83  
CME O    O  N N 84  
CME OXT  O  N N 85  
CME H    H  N N 86  
CME H2   H  N N 87  
CME HA   H  N N 88  
CME HB2  H  N N 89  
CME HB3  H  N N 90  
CME HE2  H  N N 91  
CME HE3  H  N N 92  
CME HZ2  H  N N 93  
CME HZ3  H  N N 94  
CME HH   H  N N 95  
CME HXT  H  N N 96  
GLN N    N  N N 97  
GLN CA   C  N S 98  
GLN C    C  N N 99  
GLN O    O  N N 100 
GLN CB   C  N N 101 
GLN CG   C  N N 102 
GLN CD   C  N N 103 
GLN OE1  O  N N 104 
GLN NE2  N  N N 105 
GLN OXT  O  N N 106 
GLN H    H  N N 107 
GLN H2   H  N N 108 
GLN HA   H  N N 109 
GLN HB2  H  N N 110 
GLN HB3  H  N N 111 
GLN HG2  H  N N 112 
GLN HG3  H  N N 113 
GLN HE21 H  N N 114 
GLN HE22 H  N N 115 
GLN HXT  H  N N 116 
GLU N    N  N N 117 
GLU CA   C  N S 118 
GLU C    C  N N 119 
GLU O    O  N N 120 
GLU CB   C  N N 121 
GLU CG   C  N N 122 
GLU CD   C  N N 123 
GLU OE1  O  N N 124 
GLU OE2  O  N N 125 
GLU OXT  O  N N 126 
GLU H    H  N N 127 
GLU H2   H  N N 128 
GLU HA   H  N N 129 
GLU HB2  H  N N 130 
GLU HB3  H  N N 131 
GLU HG2  H  N N 132 
GLU HG3  H  N N 133 
GLU HE2  H  N N 134 
GLU HXT  H  N N 135 
GLY N    N  N N 136 
GLY CA   C  N N 137 
GLY C    C  N N 138 
GLY O    O  N N 139 
GLY OXT  O  N N 140 
GLY H    H  N N 141 
GLY H2   H  N N 142 
GLY HA2  H  N N 143 
GLY HA3  H  N N 144 
GLY HXT  H  N N 145 
HIS N    N  N N 146 
HIS CA   C  N S 147 
HIS C    C  N N 148 
HIS O    O  N N 149 
HIS CB   C  N N 150 
HIS CG   C  Y N 151 
HIS ND1  N  Y N 152 
HIS CD2  C  Y N 153 
HIS CE1  C  Y N 154 
HIS NE2  N  Y N 155 
HIS OXT  O  N N 156 
HIS H    H  N N 157 
HIS H2   H  N N 158 
HIS HA   H  N N 159 
HIS HB2  H  N N 160 
HIS HB3  H  N N 161 
HIS HD1  H  N N 162 
HIS HD2  H  N N 163 
HIS HE1  H  N N 164 
HIS HE2  H  N N 165 
HIS HXT  H  N N 166 
HOH O    O  N N 167 
HOH H1   H  N N 168 
HOH H2   H  N N 169 
ILE N    N  N N 170 
ILE CA   C  N S 171 
ILE C    C  N N 172 
ILE O    O  N N 173 
ILE CB   C  N S 174 
ILE CG1  C  N N 175 
ILE CG2  C  N N 176 
ILE CD1  C  N N 177 
ILE OXT  O  N N 178 
ILE H    H  N N 179 
ILE H2   H  N N 180 
ILE HA   H  N N 181 
ILE HB   H  N N 182 
ILE HG12 H  N N 183 
ILE HG13 H  N N 184 
ILE HG21 H  N N 185 
ILE HG22 H  N N 186 
ILE HG23 H  N N 187 
ILE HD11 H  N N 188 
ILE HD12 H  N N 189 
ILE HD13 H  N N 190 
ILE HXT  H  N N 191 
LEU N    N  N N 192 
LEU CA   C  N S 193 
LEU C    C  N N 194 
LEU O    O  N N 195 
LEU CB   C  N N 196 
LEU CG   C  N N 197 
LEU CD1  C  N N 198 
LEU CD2  C  N N 199 
LEU OXT  O  N N 200 
LEU H    H  N N 201 
LEU H2   H  N N 202 
LEU HA   H  N N 203 
LEU HB2  H  N N 204 
LEU HB3  H  N N 205 
LEU HG   H  N N 206 
LEU HD11 H  N N 207 
LEU HD12 H  N N 208 
LEU HD13 H  N N 209 
LEU HD21 H  N N 210 
LEU HD22 H  N N 211 
LEU HD23 H  N N 212 
LEU HXT  H  N N 213 
LYS N    N  N N 214 
LYS CA   C  N S 215 
LYS C    C  N N 216 
LYS O    O  N N 217 
LYS CB   C  N N 218 
LYS CG   C  N N 219 
LYS CD   C  N N 220 
LYS CE   C  N N 221 
LYS NZ   N  N N 222 
LYS OXT  O  N N 223 
LYS H    H  N N 224 
LYS H2   H  N N 225 
LYS HA   H  N N 226 
LYS HB2  H  N N 227 
LYS HB3  H  N N 228 
LYS HG2  H  N N 229 
LYS HG3  H  N N 230 
LYS HD2  H  N N 231 
LYS HD3  H  N N 232 
LYS HE2  H  N N 233 
LYS HE3  H  N N 234 
LYS HZ1  H  N N 235 
LYS HZ2  H  N N 236 
LYS HZ3  H  N N 237 
LYS HXT  H  N N 238 
MSE N    N  N N 239 
MSE CA   C  N S 240 
MSE C    C  N N 241 
MSE O    O  N N 242 
MSE OXT  O  N N 243 
MSE CB   C  N N 244 
MSE CG   C  N N 245 
MSE SE   SE N N 246 
MSE CE   C  N N 247 
MSE H    H  N N 248 
MSE H2   H  N N 249 
MSE HA   H  N N 250 
MSE HXT  H  N N 251 
MSE HB2  H  N N 252 
MSE HB3  H  N N 253 
MSE HG2  H  N N 254 
MSE HG3  H  N N 255 
MSE HE1  H  N N 256 
MSE HE2  H  N N 257 
MSE HE3  H  N N 258 
PHE N    N  N N 259 
PHE CA   C  N S 260 
PHE C    C  N N 261 
PHE O    O  N N 262 
PHE CB   C  N N 263 
PHE CG   C  Y N 264 
PHE CD1  C  Y N 265 
PHE CD2  C  Y N 266 
PHE CE1  C  Y N 267 
PHE CE2  C  Y N 268 
PHE CZ   C  Y N 269 
PHE OXT  O  N N 270 
PHE H    H  N N 271 
PHE H2   H  N N 272 
PHE HA   H  N N 273 
PHE HB2  H  N N 274 
PHE HB3  H  N N 275 
PHE HD1  H  N N 276 
PHE HD2  H  N N 277 
PHE HE1  H  N N 278 
PHE HE2  H  N N 279 
PHE HZ   H  N N 280 
PHE HXT  H  N N 281 
PRO N    N  N N 282 
PRO CA   C  N S 283 
PRO C    C  N N 284 
PRO O    O  N N 285 
PRO CB   C  N N 286 
PRO CG   C  N N 287 
PRO CD   C  N N 288 
PRO OXT  O  N N 289 
PRO H    H  N N 290 
PRO HA   H  N N 291 
PRO HB2  H  N N 292 
PRO HB3  H  N N 293 
PRO HG2  H  N N 294 
PRO HG3  H  N N 295 
PRO HD2  H  N N 296 
PRO HD3  H  N N 297 
PRO HXT  H  N N 298 
SER N    N  N N 299 
SER CA   C  N S 300 
SER C    C  N N 301 
SER O    O  N N 302 
SER CB   C  N N 303 
SER OG   O  N N 304 
SER OXT  O  N N 305 
SER H    H  N N 306 
SER H2   H  N N 307 
SER HA   H  N N 308 
SER HB2  H  N N 309 
SER HB3  H  N N 310 
SER HG   H  N N 311 
SER HXT  H  N N 312 
THR N    N  N N 313 
THR CA   C  N S 314 
THR C    C  N N 315 
THR O    O  N N 316 
THR CB   C  N R 317 
THR OG1  O  N N 318 
THR CG2  C  N N 319 
THR OXT  O  N N 320 
THR H    H  N N 321 
THR H2   H  N N 322 
THR HA   H  N N 323 
THR HB   H  N N 324 
THR HG1  H  N N 325 
THR HG21 H  N N 326 
THR HG22 H  N N 327 
THR HG23 H  N N 328 
THR HXT  H  N N 329 
TYR N    N  N N 330 
TYR CA   C  N S 331 
TYR C    C  N N 332 
TYR O    O  N N 333 
TYR CB   C  N N 334 
TYR CG   C  Y N 335 
TYR CD1  C  Y N 336 
TYR CD2  C  Y N 337 
TYR CE1  C  Y N 338 
TYR CE2  C  Y N 339 
TYR CZ   C  Y N 340 
TYR OH   O  N N 341 
TYR OXT  O  N N 342 
TYR H    H  N N 343 
TYR H2   H  N N 344 
TYR HA   H  N N 345 
TYR HB2  H  N N 346 
TYR HB3  H  N N 347 
TYR HD1  H  N N 348 
TYR HD2  H  N N 349 
TYR HE1  H  N N 350 
TYR HE2  H  N N 351 
TYR HH   H  N N 352 
TYR HXT  H  N N 353 
VAL N    N  N N 354 
VAL CA   C  N S 355 
VAL C    C  N N 356 
VAL O    O  N N 357 
VAL CB   C  N N 358 
VAL CG1  C  N N 359 
VAL CG2  C  N N 360 
VAL OXT  O  N N 361 
VAL H    H  N N 362 
VAL H2   H  N N 363 
VAL HA   H  N N 364 
VAL HB   H  N N 365 
VAL HG11 H  N N 366 
VAL HG12 H  N N 367 
VAL HG13 H  N N 368 
VAL HG21 H  N N 369 
VAL HG22 H  N N 370 
VAL HG23 H  N N 371 
VAL HXT  H  N N 372 
# 
loop_
_chem_comp_bond.comp_id 
_chem_comp_bond.atom_id_1 
_chem_comp_bond.atom_id_2 
_chem_comp_bond.value_order 
_chem_comp_bond.pdbx_aromatic_flag 
_chem_comp_bond.pdbx_stereo_config 
_chem_comp_bond.pdbx_ordinal 
ALA N   CA   sing N N 1   
ALA N   H    sing N N 2   
ALA N   H2   sing N N 3   
ALA CA  C    sing N N 4   
ALA CA  CB   sing N N 5   
ALA CA  HA   sing N N 6   
ALA C   O    doub N N 7   
ALA C   OXT  sing N N 8   
ALA CB  HB1  sing N N 9   
ALA CB  HB2  sing N N 10  
ALA CB  HB3  sing N N 11  
ALA OXT HXT  sing N N 12  
ARG N   CA   sing N N 13  
ARG N   H    sing N N 14  
ARG N   H2   sing N N 15  
ARG CA  C    sing N N 16  
ARG CA  CB   sing N N 17  
ARG CA  HA   sing N N 18  
ARG C   O    doub N N 19  
ARG C   OXT  sing N N 20  
ARG CB  CG   sing N N 21  
ARG CB  HB2  sing N N 22  
ARG CB  HB3  sing N N 23  
ARG CG  CD   sing N N 24  
ARG CG  HG2  sing N N 25  
ARG CG  HG3  sing N N 26  
ARG CD  NE   sing N N 27  
ARG CD  HD2  sing N N 28  
ARG CD  HD3  sing N N 29  
ARG NE  CZ   sing N N 30  
ARG NE  HE   sing N N 31  
ARG CZ  NH1  sing N N 32  
ARG CZ  NH2  doub N N 33  
ARG NH1 HH11 sing N N 34  
ARG NH1 HH12 sing N N 35  
ARG NH2 HH21 sing N N 36  
ARG NH2 HH22 sing N N 37  
ARG OXT HXT  sing N N 38  
ASN N   CA   sing N N 39  
ASN N   H    sing N N 40  
ASN N   H2   sing N N 41  
ASN CA  C    sing N N 42  
ASN CA  CB   sing N N 43  
ASN CA  HA   sing N N 44  
ASN C   O    doub N N 45  
ASN C   OXT  sing N N 46  
ASN CB  CG   sing N N 47  
ASN CB  HB2  sing N N 48  
ASN CB  HB3  sing N N 49  
ASN CG  OD1  doub N N 50  
ASN CG  ND2  sing N N 51  
ASN ND2 HD21 sing N N 52  
ASN ND2 HD22 sing N N 53  
ASN OXT HXT  sing N N 54  
ASP N   CA   sing N N 55  
ASP N   H    sing N N 56  
ASP N   H2   sing N N 57  
ASP CA  C    sing N N 58  
ASP CA  CB   sing N N 59  
ASP CA  HA   sing N N 60  
ASP C   O    doub N N 61  
ASP C   OXT  sing N N 62  
ASP CB  CG   sing N N 63  
ASP CB  HB2  sing N N 64  
ASP CB  HB3  sing N N 65  
ASP CG  OD1  doub N N 66  
ASP CG  OD2  sing N N 67  
ASP OD2 HD2  sing N N 68  
ASP OXT HXT  sing N N 69  
CME N   CA   sing N N 70  
CME N   H    sing N N 71  
CME N   H2   sing N N 72  
CME CA  CB   sing N N 73  
CME CA  C    sing N N 74  
CME CA  HA   sing N N 75  
CME CB  SG   sing N N 76  
CME CB  HB2  sing N N 77  
CME CB  HB3  sing N N 78  
CME SG  SD   sing N N 79  
CME SD  CE   sing N N 80  
CME CE  CZ   sing N N 81  
CME CE  HE2  sing N N 82  
CME CE  HE3  sing N N 83  
CME CZ  OH   sing N N 84  
CME CZ  HZ2  sing N N 85  
CME CZ  HZ3  sing N N 86  
CME OH  HH   sing N N 87  
CME C   O    doub N N 88  
CME C   OXT  sing N N 89  
CME OXT HXT  sing N N 90  
GLN N   CA   sing N N 91  
GLN N   H    sing N N 92  
GLN N   H2   sing N N 93  
GLN CA  C    sing N N 94  
GLN CA  CB   sing N N 95  
GLN CA  HA   sing N N 96  
GLN C   O    doub N N 97  
GLN C   OXT  sing N N 98  
GLN CB  CG   sing N N 99  
GLN CB  HB2  sing N N 100 
GLN CB  HB3  sing N N 101 
GLN CG  CD   sing N N 102 
GLN CG  HG2  sing N N 103 
GLN CG  HG3  sing N N 104 
GLN CD  OE1  doub N N 105 
GLN CD  NE2  sing N N 106 
GLN NE2 HE21 sing N N 107 
GLN NE2 HE22 sing N N 108 
GLN OXT HXT  sing N N 109 
GLU N   CA   sing N N 110 
GLU N   H    sing N N 111 
GLU N   H2   sing N N 112 
GLU CA  C    sing N N 113 
GLU CA  CB   sing N N 114 
GLU CA  HA   sing N N 115 
GLU C   O    doub N N 116 
GLU C   OXT  sing N N 117 
GLU CB  CG   sing N N 118 
GLU CB  HB2  sing N N 119 
GLU CB  HB3  sing N N 120 
GLU CG  CD   sing N N 121 
GLU CG  HG2  sing N N 122 
GLU CG  HG3  sing N N 123 
GLU CD  OE1  doub N N 124 
GLU CD  OE2  sing N N 125 
GLU OE2 HE2  sing N N 126 
GLU OXT HXT  sing N N 127 
GLY N   CA   sing N N 128 
GLY N   H    sing N N 129 
GLY N   H2   sing N N 130 
GLY CA  C    sing N N 131 
GLY CA  HA2  sing N N 132 
GLY CA  HA3  sing N N 133 
GLY C   O    doub N N 134 
GLY C   OXT  sing N N 135 
GLY OXT HXT  sing N N 136 
HIS N   CA   sing N N 137 
HIS N   H    sing N N 138 
HIS N   H2   sing N N 139 
HIS CA  C    sing N N 140 
HIS CA  CB   sing N N 141 
HIS CA  HA   sing N N 142 
HIS C   O    doub N N 143 
HIS C   OXT  sing N N 144 
HIS CB  CG   sing N N 145 
HIS CB  HB2  sing N N 146 
HIS CB  HB3  sing N N 147 
HIS CG  ND1  sing Y N 148 
HIS CG  CD2  doub Y N 149 
HIS ND1 CE1  doub Y N 150 
HIS ND1 HD1  sing N N 151 
HIS CD2 NE2  sing Y N 152 
HIS CD2 HD2  sing N N 153 
HIS CE1 NE2  sing Y N 154 
HIS CE1 HE1  sing N N 155 
HIS NE2 HE2  sing N N 156 
HIS OXT HXT  sing N N 157 
HOH O   H1   sing N N 158 
HOH O   H2   sing N N 159 
ILE N   CA   sing N N 160 
ILE N   H    sing N N 161 
ILE N   H2   sing N N 162 
ILE CA  C    sing N N 163 
ILE CA  CB   sing N N 164 
ILE CA  HA   sing N N 165 
ILE C   O    doub N N 166 
ILE C   OXT  sing N N 167 
ILE CB  CG1  sing N N 168 
ILE CB  CG2  sing N N 169 
ILE CB  HB   sing N N 170 
ILE CG1 CD1  sing N N 171 
ILE CG1 HG12 sing N N 172 
ILE CG1 HG13 sing N N 173 
ILE CG2 HG21 sing N N 174 
ILE CG2 HG22 sing N N 175 
ILE CG2 HG23 sing N N 176 
ILE CD1 HD11 sing N N 177 
ILE CD1 HD12 sing N N 178 
ILE CD1 HD13 sing N N 179 
ILE OXT HXT  sing N N 180 
LEU N   CA   sing N N 181 
LEU N   H    sing N N 182 
LEU N   H2   sing N N 183 
LEU CA  C    sing N N 184 
LEU CA  CB   sing N N 185 
LEU CA  HA   sing N N 186 
LEU C   O    doub N N 187 
LEU C   OXT  sing N N 188 
LEU CB  CG   sing N N 189 
LEU CB  HB2  sing N N 190 
LEU CB  HB3  sing N N 191 
LEU CG  CD1  sing N N 192 
LEU CG  CD2  sing N N 193 
LEU CG  HG   sing N N 194 
LEU CD1 HD11 sing N N 195 
LEU CD1 HD12 sing N N 196 
LEU CD1 HD13 sing N N 197 
LEU CD2 HD21 sing N N 198 
LEU CD2 HD22 sing N N 199 
LEU CD2 HD23 sing N N 200 
LEU OXT HXT  sing N N 201 
LYS N   CA   sing N N 202 
LYS N   H    sing N N 203 
LYS N   H2   sing N N 204 
LYS CA  C    sing N N 205 
LYS CA  CB   sing N N 206 
LYS CA  HA   sing N N 207 
LYS C   O    doub N N 208 
LYS C   OXT  sing N N 209 
LYS CB  CG   sing N N 210 
LYS CB  HB2  sing N N 211 
LYS CB  HB3  sing N N 212 
LYS CG  CD   sing N N 213 
LYS CG  HG2  sing N N 214 
LYS CG  HG3  sing N N 215 
LYS CD  CE   sing N N 216 
LYS CD  HD2  sing N N 217 
LYS CD  HD3  sing N N 218 
LYS CE  NZ   sing N N 219 
LYS CE  HE2  sing N N 220 
LYS CE  HE3  sing N N 221 
LYS NZ  HZ1  sing N N 222 
LYS NZ  HZ2  sing N N 223 
LYS NZ  HZ3  sing N N 224 
LYS OXT HXT  sing N N 225 
MSE N   CA   sing N N 226 
MSE N   H    sing N N 227 
MSE N   H2   sing N N 228 
MSE CA  C    sing N N 229 
MSE CA  CB   sing N N 230 
MSE CA  HA   sing N N 231 
MSE C   O    doub N N 232 
MSE C   OXT  sing N N 233 
MSE OXT HXT  sing N N 234 
MSE CB  CG   sing N N 235 
MSE CB  HB2  sing N N 236 
MSE CB  HB3  sing N N 237 
MSE CG  SE   sing N N 238 
MSE CG  HG2  sing N N 239 
MSE CG  HG3  sing N N 240 
MSE SE  CE   sing N N 241 
MSE CE  HE1  sing N N 242 
MSE CE  HE2  sing N N 243 
MSE CE  HE3  sing N N 244 
PHE N   CA   sing N N 245 
PHE N   H    sing N N 246 
PHE N   H2   sing N N 247 
PHE CA  C    sing N N 248 
PHE CA  CB   sing N N 249 
PHE CA  HA   sing N N 250 
PHE C   O    doub N N 251 
PHE C   OXT  sing N N 252 
PHE CB  CG   sing N N 253 
PHE CB  HB2  sing N N 254 
PHE CB  HB3  sing N N 255 
PHE CG  CD1  doub Y N 256 
PHE CG  CD2  sing Y N 257 
PHE CD1 CE1  sing Y N 258 
PHE CD1 HD1  sing N N 259 
PHE CD2 CE2  doub Y N 260 
PHE CD2 HD2  sing N N 261 
PHE CE1 CZ   doub Y N 262 
PHE CE1 HE1  sing N N 263 
PHE CE2 CZ   sing Y N 264 
PHE CE2 HE2  sing N N 265 
PHE CZ  HZ   sing N N 266 
PHE OXT HXT  sing N N 267 
PRO N   CA   sing N N 268 
PRO N   CD   sing N N 269 
PRO N   H    sing N N 270 
PRO CA  C    sing N N 271 
PRO CA  CB   sing N N 272 
PRO CA  HA   sing N N 273 
PRO C   O    doub N N 274 
PRO C   OXT  sing N N 275 
PRO CB  CG   sing N N 276 
PRO CB  HB2  sing N N 277 
PRO CB  HB3  sing N N 278 
PRO CG  CD   sing N N 279 
PRO CG  HG2  sing N N 280 
PRO CG  HG3  sing N N 281 
PRO CD  HD2  sing N N 282 
PRO CD  HD3  sing N N 283 
PRO OXT HXT  sing N N 284 
SER N   CA   sing N N 285 
SER N   H    sing N N 286 
SER N   H2   sing N N 287 
SER CA  C    sing N N 288 
SER CA  CB   sing N N 289 
SER CA  HA   sing N N 290 
SER C   O    doub N N 291 
SER C   OXT  sing N N 292 
SER CB  OG   sing N N 293 
SER CB  HB2  sing N N 294 
SER CB  HB3  sing N N 295 
SER OG  HG   sing N N 296 
SER OXT HXT  sing N N 297 
THR N   CA   sing N N 298 
THR N   H    sing N N 299 
THR N   H2   sing N N 300 
THR CA  C    sing N N 301 
THR CA  CB   sing N N 302 
THR CA  HA   sing N N 303 
THR C   O    doub N N 304 
THR C   OXT  sing N N 305 
THR CB  OG1  sing N N 306 
THR CB  CG2  sing N N 307 
THR CB  HB   sing N N 308 
THR OG1 HG1  sing N N 309 
THR CG2 HG21 sing N N 310 
THR CG2 HG22 sing N N 311 
THR CG2 HG23 sing N N 312 
THR OXT HXT  sing N N 313 
TYR N   CA   sing N N 314 
TYR N   H    sing N N 315 
TYR N   H2   sing N N 316 
TYR CA  C    sing N N 317 
TYR CA  CB   sing N N 318 
TYR CA  HA   sing N N 319 
TYR C   O    doub N N 320 
TYR C   OXT  sing N N 321 
TYR CB  CG   sing N N 322 
TYR CB  HB2  sing N N 323 
TYR CB  HB3  sing N N 324 
TYR CG  CD1  doub Y N 325 
TYR CG  CD2  sing Y N 326 
TYR CD1 CE1  sing Y N 327 
TYR CD1 HD1  sing N N 328 
TYR CD2 CE2  doub Y N 329 
TYR CD2 HD2  sing N N 330 
TYR CE1 CZ   doub Y N 331 
TYR CE1 HE1  sing N N 332 
TYR CE2 CZ   sing Y N 333 
TYR CE2 HE2  sing N N 334 
TYR CZ  OH   sing N N 335 
TYR OH  HH   sing N N 336 
TYR OXT HXT  sing N N 337 
VAL N   CA   sing N N 338 
VAL N   H    sing N N 339 
VAL N   H2   sing N N 340 
VAL CA  C    sing N N 341 
VAL CA  CB   sing N N 342 
VAL CA  HA   sing N N 343 
VAL C   O    doub N N 344 
VAL C   OXT  sing N N 345 
VAL CB  CG1  sing N N 346 
VAL CB  CG2  sing N N 347 
VAL CB  HB   sing N N 348 
VAL CG1 HG11 sing N N 349 
VAL CG1 HG12 sing N N 350 
VAL CG1 HG13 sing N N 351 
VAL CG2 HG21 sing N N 352 
VAL CG2 HG22 sing N N 353 
VAL CG2 HG23 sing N N 354 
VAL OXT HXT  sing N N 355 
# 
_atom_sites.entry_id                    4PZJ 
_atom_sites.fract_transf_matrix[1][1]   0.01958368 
_atom_sites.fract_transf_matrix[1][2]   0.01962883 
_atom_sites.fract_transf_matrix[1][3]   -0.01520534 
_atom_sites.fract_transf_matrix[2][1]   0.00449618 
_atom_sites.fract_transf_matrix[2][2]   -0.02184914 
_atom_sites.fract_transf_matrix[2][3]   -0.02241458 
_atom_sites.fract_transf_matrix[3][1]   -0.00583463 
_atom_sites.fract_transf_matrix[3][2]   0.00280017 
_atom_sites.fract_transf_matrix[3][3]   -0.00389991 
_atom_sites.fract_transf_vector[1]      0.677652 
_atom_sites.fract_transf_vector[2]      0.181371 
_atom_sites.fract_transf_vector[3]      0.339503 
# 
loop_
_atom_type.symbol 
C  
CL 
N  
O  
S  
SE 
# 
loop_
_atom_site.group_PDB 
_atom_site.id 
_atom_site.type_symbol 
_atom_site.label_atom_id 
_atom_site.label_alt_id 
_atom_site.label_comp_id 
_atom_site.label_asym_id 
_atom_site.label_entity_id 
_atom_site.label_seq_id 
_atom_site.pdbx_PDB_ins_code 
_atom_site.Cartn_x 
_atom_site.Cartn_y 
_atom_site.Cartn_z 
_atom_site.occupancy 
_atom_site.B_iso_or_equiv 
_atom_site.pdbx_formal_charge 
_atom_site.auth_seq_id 
_atom_site.auth_comp_id 
_atom_site.auth_asym_id 
_atom_site.auth_atom_id 
_atom_site.pdbx_PDB_model_num 
HETATM 1   N  N   . MSE A 1 1  ? 2.793   -9.636  10.157  1.00 63.23 ? 1   MSE A N   1 
HETATM 2   C  CA  . MSE A 1 1  ? 1.906   -8.641  9.467   1.00 54.19 ? 1   MSE A CA  1 
HETATM 3   C  C   . MSE A 1 1  ? 0.669   -9.355  9.002   1.00 48.76 ? 1   MSE A C   1 
HETATM 4   O  O   . MSE A 1 1  ? 0.724   -10.472 8.466   1.00 46.07 ? 1   MSE A O   1 
HETATM 5   C  CB  . MSE A 1 1  ? 2.614   -7.876  8.346   1.00 53.01 ? 1   MSE A CB  1 
HETATM 6   C  CG  . MSE A 1 1  ? 3.306   -8.793  7.339   1.00 50.30 ? 1   MSE A CG  1 
HETATM 7   SE SE  . MSE A 1 1  ? 4.627   -7.820  6.225   1.00 44.71 ? 1   MSE A SE  1 
HETATM 8   C  CE  . MSE A 1 1  ? 4.721   -6.028  7.003   1.00 47.96 ? 1   MSE A CE  1 
ATOM   9   N  N   . LEU A 1 2  ? -0.461  -8.684  9.181   1.00 41.70 ? 2   LEU A N   1 
ATOM   10  C  CA  . LEU A 1 2  ? -1.771  -9.284  8.944   1.00 40.05 ? 2   LEU A CA  1 
ATOM   11  C  C   . LEU A 1 2  ? -2.122  -9.476  7.485   1.00 37.24 ? 2   LEU A C   1 
ATOM   12  O  O   . LEU A 1 2  ? -1.838  -8.628  6.631   1.00 34.45 ? 2   LEU A O   1 
ATOM   13  C  CB  . LEU A 1 2  ? -2.855  -8.473  9.632   1.00 40.73 ? 2   LEU A CB  1 
ATOM   14  C  CG  . LEU A 1 2  ? -2.739  -8.406  11.157  1.00 46.66 ? 2   LEU A CG  1 
ATOM   15  C  CD1 . LEU A 1 2  ? -3.980  -7.743  11.724  1.00 47.28 ? 2   LEU A CD1 1 
ATOM   16  C  CD2 . LEU A 1 2  ? -2.563  -9.795  11.761  1.00 47.59 ? 2   LEU A CD2 1 
ATOM   17  N  N   . ASP A 1 3  ? -2.736  -10.617 7.212   1.00 37.14 ? 3   ASP A N   1 
ATOM   18  C  CA  . ASP A 1 3  ? -3.098  -11.017 5.849   1.00 38.96 ? 3   ASP A CA  1 
ATOM   19  C  C   . ASP A 1 3  ? -3.791  -9.917  5.049   1.00 36.56 ? 3   ASP A C   1 
ATOM   20  O  O   . ASP A 1 3  ? -3.426  -9.634  3.894   1.00 36.61 ? 3   ASP A O   1 
ATOM   21  C  CB  . ASP A 1 3  ? -3.972  -12.295 5.872   1.00 44.74 ? 3   ASP A CB  1 
ATOM   22  C  CG  . ASP A 1 3  ? -5.289  -12.126 6.647   1.00 50.41 ? 3   ASP A CG  1 
ATOM   23  O  OD1 . ASP A 1 3  ? -5.423  -11.228 7.524   1.00 46.04 ? 3   ASP A OD1 1 
ATOM   24  O  OD2 . ASP A 1 3  ? -6.208  -12.930 6.383   1.00 60.33 ? 3   ASP A OD2 1 
ATOM   25  N  N   . PHE A 1 4  ? -4.749  -9.253  5.685   1.00 30.98 ? 4   PHE A N   1 
ATOM   26  C  CA  . PHE A 1 4  ? -5.542  -8.239  5.010   1.00 31.59 ? 4   PHE A CA  1 
ATOM   27  C  C   . PHE A 1 4  ? -4.758  -6.952  4.755   1.00 28.34 ? 4   PHE A C   1 
ATOM   28  O  O   . PHE A 1 4  ? -5.012  -6.320  3.755   1.00 27.47 ? 4   PHE A O   1 
ATOM   29  C  CB  . PHE A 1 4  ? -6.833  -7.945  5.731   1.00 33.03 ? 4   PHE A CB  1 
ATOM   30  C  CG  . PHE A 1 4  ? -6.664  -7.283  7.051   1.00 33.57 ? 4   PHE A CG  1 
ATOM   31  C  CD1 . PHE A 1 4  ? -6.577  -8.038  8.221   1.00 34.25 ? 4   PHE A CD1 1 
ATOM   32  C  CD2 . PHE A 1 4  ? -6.659  -5.898  7.145   1.00 33.05 ? 4   PHE A CD2 1 
ATOM   33  C  CE1 . PHE A 1 4  ? -6.459  -7.413  9.449   1.00 35.49 ? 4   PHE A CE1 1 
ATOM   34  C  CE2 . PHE A 1 4  ? -6.547  -5.276  8.377   1.00 34.83 ? 4   PHE A CE2 1 
ATOM   35  C  CZ  . PHE A 1 4  ? -6.441  -6.040  9.526   1.00 35.43 ? 4   PHE A CZ  1 
ATOM   36  N  N   . ARG A 1 5  ? -3.829  -6.590  5.639   1.00 28.88 ? 5   ARG A N   1 
ATOM   37  C  CA  . ARG A 1 5  ? -2.988  -5.404  5.397   1.00 29.16 ? 5   ARG A CA  1 
ATOM   38  C  C   . ARG A 1 5  ? -2.052  -5.705  4.252   1.00 28.57 ? 5   ARG A C   1 
ATOM   39  O  O   . ARG A 1 5  ? -1.832  -4.845  3.395   1.00 28.98 ? 5   ARG A O   1 
ATOM   40  C  CB  . ARG A 1 5  ? -2.231  -4.954  6.633   1.00 30.82 ? 5   ARG A CB  1 
ATOM   41  C  CG  . ARG A 1 5  ? -3.169  -4.475  7.728   1.00 32.33 ? 5   ARG A CG  1 
ATOM   42  C  CD  . ARG A 1 5  ? -2.436  -3.673  8.761   1.00 34.39 ? 5   ARG A CD  1 
ATOM   43  N  NE  . ARG A 1 5  ? -3.359  -3.197  9.766   1.00 36.25 ? 5   ARG A NE  1 
ATOM   44  C  CZ  . ARG A 1 5  ? -3.517  -3.763  10.957  1.00 41.48 ? 5   ARG A CZ  1 
ATOM   45  N  NH1 . ARG A 1 5  ? -2.776  -4.809  11.308  1.00 45.12 ? 5   ARG A NH1 1 
ATOM   46  N  NH2 . ARG A 1 5  ? -4.396  -3.251  11.819  1.00 42.94 ? 5   ARG A NH2 1 
ATOM   47  N  N   . VAL A 1 6  ? -1.515  -6.912  4.227   1.00 30.75 ? 6   VAL A N   1 
ATOM   48  C  CA  . VAL A 1 6  ? -0.643  -7.352  3.140   1.00 30.03 ? 6   VAL A CA  1 
ATOM   49  C  C   . VAL A 1 6  ? -1.392  -7.306  1.816   1.00 28.40 ? 6   VAL A C   1 
ATOM   50  O  O   . VAL A 1 6  ? -0.895  -6.743  0.842   1.00 24.90 ? 6   VAL A O   1 
ATOM   51  C  CB  . VAL A 1 6  ? -0.082  -8.750  3.421   1.00 30.50 ? 6   VAL A CB  1 
ATOM   52  C  CG1 . VAL A 1 6  ? 0.483   -9.404  2.163   1.00 32.09 ? 6   VAL A CG1 1 
ATOM   53  C  CG2 . VAL A 1 6  ? 0.899   -8.682  4.579   1.00 32.82 ? 6   VAL A CG2 1 
ATOM   54  N  N   . GLU A 1 7  ? -2.608  -7.839  1.780   1.00 24.78 ? 7   GLU A N   1 
ATOM   55  C  CA  . GLU A 1 7  ? -3.433  -7.837  0.574   1.00 26.71 ? 7   GLU A CA  1 
ATOM   56  C  C   . GLU A 1 7  ? -3.711  -6.421  0.090   1.00 24.28 ? 7   GLU A C   1 
ATOM   57  O  O   . GLU A 1 7  ? -3.724  -6.143  -1.090  1.00 25.93 ? 7   GLU A O   1 
ATOM   58  C  CB  . GLU A 1 7  ? -4.776  -8.546  0.894   1.00 32.89 ? 7   GLU A CB  1 
ATOM   59  C  CG  . GLU A 1 7  ? -5.806  -8.568  -0.229  1.00 40.06 ? 7   GLU A CG  1 
ATOM   60  C  CD  . GLU A 1 7  ? -7.255  -8.814  0.265   1.00 49.35 ? 7   GLU A CD  1 
ATOM   61  O  OE1 . GLU A 1 7  ? -7.531  -8.669  1.488   1.00 55.93 ? 7   GLU A OE1 1 
ATOM   62  O  OE2 . GLU A 1 7  ? -8.140  -9.123  -0.583  1.00 57.04 ? 7   GLU A OE2 1 
ATOM   63  N  N   . THR A 1 8  ? -3.949  -5.481  1.011   1.00 22.85 ? 8   THR A N   1 
ATOM   64  C  CA  . THR A 1 8  ? -4.212  -4.128  0.600   1.00 21.78 ? 8   THR A CA  1 
ATOM   65  C  C   . THR A 1 8  ? -2.948  -3.527  0.009   1.00 20.61 ? 8   THR A C   1 
ATOM   66  O  O   . THR A 1 8  ? -3.018  -2.878  -1.042  1.00 21.85 ? 8   THR A O   1 
ATOM   67  C  CB  . THR A 1 8  ? -4.692  -3.287  1.790   1.00 22.89 ? 8   THR A CB  1 
ATOM   68  O  OG1 . THR A 1 8  ? -5.992  -3.778  2.192   1.00 25.80 ? 8   THR A OG1 1 
ATOM   69  C  CG2 . THR A 1 8  ? -4.842  -1.870  1.397   1.00 24.30 ? 8   THR A CG2 1 
ATOM   70  N  N   . PHE A 1 9  ? -1.829  -3.760  0.683   1.00 22.25 ? 9   PHE A N   1 
ATOM   71  C  CA  . PHE A 1 9  ? -0.538  -3.226  0.189   1.00 19.04 ? 9   PHE A CA  1 
ATOM   72  C  C   . PHE A 1 9  ? -0.294  -3.738  -1.240  1.00 19.78 ? 9   PHE A C   1 
ATOM   73  O  O   . PHE A 1 9  ? 0.052   -2.949  -2.144  1.00 22.41 ? 9   PHE A O   1 
ATOM   74  C  CB  . PHE A 1 9  ? 0.633   -3.589  1.057   1.00 19.16 ? 9   PHE A CB  1 
ATOM   75  C  CG  . PHE A 1 9  ? 1.966   -3.382  0.351   1.00 20.34 ? 9   PHE A CG  1 
ATOM   76  C  CD1 . PHE A 1 9  ? 2.437   -2.113  0.128   1.00 23.43 ? 9   PHE A CD1 1 
ATOM   77  C  CD2 . PHE A 1 9  ? 2.647   -4.467  -0.196  1.00 22.78 ? 9   PHE A CD2 1 
ATOM   78  C  CE1 . PHE A 1 9  ? 3.621   -1.900  -0.563  1.00 23.42 ? 9   PHE A CE1 1 
ATOM   79  C  CE2 . PHE A 1 9  ? 3.838   -4.277  -0.892  1.00 22.55 ? 9   PHE A CE2 1 
ATOM   80  C  CZ  . PHE A 1 9  ? 4.302   -2.986  -1.102  1.00 23.99 ? 9   PHE A CZ  1 
ATOM   81  N  N   . LEU A 1 10 ? -0.455  -5.024  -1.445  1.00 20.39 ? 10  LEU A N   1 
ATOM   82  C  CA  . LEU A 1 10 ? -0.190  -5.553  -2.788  1.00 20.89 ? 10  LEU A CA  1 
ATOM   83  C  C   . LEU A 1 10 ? -1.129  -4.992  -3.867  1.00 21.49 ? 10  LEU A C   1 
ATOM   84  O  O   . LEU A 1 10 ? -0.738  -4.773  -5.035  1.00 23.18 ? 10  LEU A O   1 
ATOM   85  C  CB  . LEU A 1 10 ? -0.229  -7.082  -2.767  1.00 23.49 ? 10  LEU A CB  1 
ATOM   86  C  CG  . LEU A 1 10 ? 0.869   -7.812  -1.977  1.00 24.92 ? 10  LEU A CG  1 
ATOM   87  C  CD1 . LEU A 1 10 ? 0.613   -9.275  -1.789  1.00 28.10 ? 10  LEU A CD1 1 
ATOM   88  C  CD2 . LEU A 1 10 ? 2.220   -7.624  -2.643  1.00 26.76 ? 10  LEU A CD2 1 
ATOM   89  N  N   . THR A 1 11 ? -2.402  -4.776  -3.522  1.00 19.54 ? 11  THR A N   1 
ATOM   90  C  CA  . THR A 1 11 ? -3.362  -4.224  -4.427  1.00 19.64 ? 11  THR A CA  1 
ATOM   91  C  C   . THR A 1 11 ? -2.954  -2.781  -4.809  1.00 20.65 ? 11  THR A C   1 
ATOM   92  O  O   . THR A 1 11 ? -3.012  -2.415  -5.954  1.00 22.88 ? 11  THR A O   1 
ATOM   93  C  CB  . THR A 1 11 ? -4.763  -4.265  -3.833  1.00 23.36 ? 11  THR A CB  1 
ATOM   94  O  OG1 . THR A 1 11 ? -5.018  -5.621  -3.470  1.00 25.72 ? 11  THR A OG1 1 
ATOM   95  C  CG2 . THR A 1 11 ? -5.766  -3.801  -4.767  1.00 24.12 ? 11  THR A CG2 1 
ATOM   96  N  N   . VAL A 1 12 ? -2.672  -1.940  -3.807  1.00 21.62 ? 12  VAL A N   1 
ATOM   97  C  CA  . VAL A 1 12 ? -2.251  -0.596  -4.124  1.00 21.47 ? 12  VAL A CA  1 
ATOM   98  C  C   . VAL A 1 12 ? -0.969  -0.578  -4.908  1.00 22.06 ? 12  VAL A C   1 
ATOM   99  O  O   . VAL A 1 12 ? -0.828  0.267   -5.815  1.00 22.15 ? 12  VAL A O   1 
ATOM   100 C  CB  . VAL A 1 12 ? -2.076  0.271   -2.862  1.00 22.53 ? 12  VAL A CB  1 
ATOM   101 C  CG1 . VAL A 1 12 ? -1.612  1.679   -3.234  1.00 24.55 ? 12  VAL A CG1 1 
ATOM   102 C  CG2 . VAL A 1 12 ? -3.370  0.356   -2.103  1.00 23.08 ? 12  VAL A CG2 1 
HETATM 103 N  N   A CME A 1 13 ? -0.042  -1.489  -4.561  0.50 20.78 ? 13  CME A N   1 
HETATM 104 N  N   B CME A 1 13 ? -0.033  -1.435  -4.618  0.50 21.05 ? 13  CME A N   1 
HETATM 105 C  CA  A CME A 1 13 ? 1.307   -1.649  -5.220  0.50 19.22 ? 13  CME A CA  1 
HETATM 106 C  CA  B CME A 1 13 ? 1.195   -1.401  -5.393  0.50 19.76 ? 13  CME A CA  1 
HETATM 107 C  CB  A CME A 1 13 ? 2.207   -2.743  -4.559  0.50 20.55 ? 13  CME A CB  1 
HETATM 108 C  CB  B CME A 1 13 ? 1.976   -2.468  -4.706  0.50 19.79 ? 13  CME A CB  1 
HETATM 109 S  SG  A CME A 1 13 ? 3.847   -3.140  -5.233  0.50 19.45 ? 13  CME A SG  1 
HETATM 110 S  SG  B CME A 1 13 ? 3.309   -2.931  -5.740  0.50 20.81 ? 13  CME A SG  1 
HETATM 111 S  SD  A CME A 1 13 ? 3.445   -4.441  -6.742  0.50 18.96 ? 13  CME A SD  1 
HETATM 112 S  SD  B CME A 1 13 ? 2.664   -4.160  -7.240  0.50 22.61 ? 13  CME A SD  1 
HETATM 113 C  CE  A CME A 1 13 ? 2.609   -5.843  -6.002  0.50 18.39 ? 13  CME A CE  1 
HETATM 114 C  CE  B CME A 1 13 ? 3.465   -5.628  -7.775  0.50 25.05 ? 13  CME A CE  1 
HETATM 115 C  CZ  A CME A 1 13 ? 2.709   -7.089  -6.888  0.50 21.02 ? 13  CME A CZ  1 
HETATM 116 C  CZ  B CME A 1 13 ? 2.701   -6.833  -7.260  0.50 28.45 ? 13  CME A CZ  1 
HETATM 117 O  OH  A CME A 1 13 ? 4.013   -7.275  -7.492  0.50 21.63 ? 13  CME A OH  1 
HETATM 118 O  OH  B CME A 1 13 ? 3.677   -7.746  -6.744  0.50 29.62 ? 13  CME A OH  1 
HETATM 119 C  C   A CME A 1 13 ? 1.045   -1.948  -6.679  0.50 21.51 ? 13  CME A C   1 
HETATM 120 C  C   B CME A 1 13 ? 0.837   -1.739  -6.817  0.50 21.23 ? 13  CME A C   1 
HETATM 121 O  O   A CME A 1 13 ? 1.773   -1.442  -7.538  0.50 18.79 ? 13  CME A O   1 
HETATM 122 O  O   B CME A 1 13 ? 1.230   -1.090  -7.797  0.50 16.39 ? 13  CME A O   1 
ATOM   123 N  N   . ARG A 1 14 ? -0.005  -2.727  -6.969  1.00 19.98 ? 14  ARG A N   1 
ATOM   124 C  CA  . ARG A 1 14 ? -0.346  -3.157  -8.349  1.00 22.57 ? 14  ARG A CA  1 
ATOM   125 C  C   . ARG A 1 14 ? -1.107  -2.130  -9.148  1.00 23.49 ? 14  ARG A C   1 
ATOM   126 O  O   . ARG A 1 14 ? -0.799  -1.885  -10.319 1.00 23.90 ? 14  ARG A O   1 
ATOM   127 C  CB  . ARG A 1 14 ? -1.153  -4.442  -8.323  1.00 21.35 ? 14  ARG A CB  1 
ATOM   128 C  CG  . ARG A 1 14 ? -0.929  -5.231  -9.594  1.00 24.36 ? 14  ARG A CG  1 
ATOM   129 C  CD  . ARG A 1 14 ? -2.079  -6.160  -9.914  1.00 25.28 ? 14  ARG A CD  1 
ATOM   130 N  NE  . ARG A 1 14 ? -3.232  -5.422  -10.401 1.00 25.20 ? 14  ARG A NE  1 
ATOM   131 C  CZ  . ARG A 1 14 ? -4.403  -5.302  -9.758  1.00 26.01 ? 14  ARG A CZ  1 
ATOM   132 N  NH1 . ARG A 1 14 ? -4.604  -5.935  -8.602  1.00 28.23 ? 14  ARG A NH1 1 
ATOM   133 N  NH2 . ARG A 1 14 ? -5.373  -4.595  -10.293 1.00 27.77 ? 14  ARG A NH2 1 
ATOM   134 N  N   . THR A 1 15 ? -2.086  -1.483  -8.509  1.00 22.79 ? 15  THR A N   1 
ATOM   135 C  CA  . THR A 1 15 ? -2.942  -0.503  -9.170  1.00 22.91 ? 15  THR A CA  1 
ATOM   136 C  C   . THR A 1 15 ? -2.299  0.897   -9.285  1.00 21.89 ? 15  THR A C   1 
ATOM   137 O  O   . THR A 1 15 ? -2.632  1.675   -10.185 1.00 22.94 ? 15  THR A O   1 
ATOM   138 C  CB  . THR A 1 15 ? -4.270  -0.324  -8.449  1.00 22.09 ? 15  THR A CB  1 
ATOM   139 O  OG1 . THR A 1 15 ? -4.027  0.160   -7.137  1.00 23.48 ? 15  THR A OG1 1 
ATOM   140 C  CG2 . THR A 1 15 ? -5.045  -1.642  -8.340  1.00 21.84 ? 15  THR A CG2 1 
HETATM 141 N  N   . MSE A 1 16 ? -1.408  1.193   -8.341  1.00 22.79 ? 16  MSE A N   1 
HETATM 142 C  CA  . MSE A 1 16 ? -0.771  2.515   -8.164  1.00 23.88 ? 16  MSE A CA  1 
HETATM 143 C  C   . MSE A 1 16 ? -1.851  3.583   -8.105  1.00 24.85 ? 16  MSE A C   1 
HETATM 144 O  O   . MSE A 1 16 ? -1.717  4.690   -8.615  1.00 24.28 ? 16  MSE A O   1 
HETATM 145 C  CB  . MSE A 1 16 ? 0.292   2.707   -9.244  1.00 22.70 ? 16  MSE A CB  1 
HETATM 146 C  CG  . MSE A 1 16 ? 1.486   1.774   -9.011  1.00 24.54 ? 16  MSE A CG  1 
HETATM 147 SE SE  . MSE A 1 16 ? 2.539   2.029   -7.334  1.00 30.38 ? 16  MSE A SE  1 
HETATM 148 C  CE  . MSE A 1 16 ? 2.959   3.750   -7.906  1.00 22.05 ? 16  MSE A CE  1 
ATOM   149 N  N   . ASN A 1 17 ? -2.968  3.275   -7.457  1.00 24.78 ? 17  ASN A N   1 
ATOM   150 C  CA  . ASN A 1 17 ? -4.089  4.175   -7.436  1.00 22.25 ? 17  ASN A CA  1 
ATOM   151 C  C   . ASN A 1 17 ? -4.922  3.743   -6.247  1.00 23.98 ? 17  ASN A C   1 
ATOM   152 O  O   . ASN A 1 17 ? -5.555  2.727   -6.292  1.00 23.80 ? 17  ASN A O   1 
ATOM   153 C  CB  . ASN A 1 17 ? -4.867  4.027   -8.759  1.00 24.69 ? 17  ASN A CB  1 
ATOM   154 C  CG  . ASN A 1 17 ? -6.096  4.897   -8.861  1.00 30.24 ? 17  ASN A CG  1 
ATOM   155 O  OD1 . ASN A 1 17 ? -6.645  5.385   -7.873  1.00 26.20 ? 17  ASN A OD1 1 
ATOM   156 N  ND2 . ASN A 1 17 ? -6.542  5.112   -10.100 1.00 30.86 ? 17  ASN A ND2 1 
ATOM   157 N  N   . TYR A 1 18 ? -4.970  4.543   -5.202  1.00 22.28 ? 18  TYR A N   1 
ATOM   158 C  CA  . TYR A 1 18 ? -5.738  4.082   -4.032  1.00 21.87 ? 18  TYR A CA  1 
ATOM   159 C  C   . TYR A 1 18 ? -7.240  3.892   -4.229  1.00 25.74 ? 18  TYR A C   1 
ATOM   160 O  O   . TYR A 1 18 ? -7.795  2.923   -3.681  1.00 24.24 ? 18  TYR A O   1 
ATOM   161 C  CB  . TYR A 1 18 ? -5.571  5.077   -2.880  1.00 22.37 ? 18  TYR A CB  1 
ATOM   162 C  CG  . TYR A 1 18 ? -4.354  4.924   -2.014  1.00 23.74 ? 18  TYR A CG  1 
ATOM   163 C  CD1 . TYR A 1 18 ? -3.059  5.068   -2.524  1.00 24.23 ? 18  TYR A CD1 1 
ATOM   164 C  CD2 . TYR A 1 18 ? -4.471  4.695   -0.628  1.00 24.93 ? 18  TYR A CD2 1 
ATOM   165 C  CE1 . TYR A 1 18 ? -1.937  4.925   -1.711  1.00 23.47 ? 18  TYR A CE1 1 
ATOM   166 C  CE2 . TYR A 1 18 ? -3.355  4.556   0.176   1.00 23.63 ? 18  TYR A CE2 1 
ATOM   167 C  CZ  . TYR A 1 18 ? -2.072  4.710   -0.365  1.00 23.95 ? 18  TYR A CZ  1 
ATOM   168 O  OH  . TYR A 1 18 ? -0.954  4.615   0.401   1.00 28.19 ? 18  TYR A OH  1 
ATOM   169 N  N   . THR A 1 19 ? -7.928  4.818   -4.906  1.00 24.55 ? 19  THR A N   1 
ATOM   170 C  CA  . THR A 1 19 ? -9.402  4.678   -5.082  1.00 24.12 ? 19  THR A CA  1 
ATOM   171 C  C   . THR A 1 19 ? -9.688  3.433   -5.906  1.00 24.92 ? 19  THR A C   1 
ATOM   172 O  O   . THR A 1 19 ? -10.655 2.749   -5.649  1.00 25.19 ? 19  THR A O   1 
ATOM   173 C  CB  . THR A 1 19 ? -10.093 5.899   -5.673  1.00 27.08 ? 19  THR A CB  1 
ATOM   174 O  OG1 . THR A 1 19 ? -9.436  6.307   -6.877  1.00 26.05 ? 19  THR A OG1 1 
ATOM   175 C  CG2 . THR A 1 19 ? -10.063 7.045   -4.688  1.00 26.87 ? 19  THR A CG2 1 
ATOM   176 N  N   . ARG A 1 20 ? -8.837  3.141   -6.862  1.00 25.27 ? 20  ARG A N   1 
ATOM   177 C  CA  . ARG A 1 20 ? -8.973  1.943   -7.689  1.00 27.95 ? 20  ARG A CA  1 
ATOM   178 C  C   . ARG A 1 20 ? -8.795  0.665   -6.858  1.00 26.98 ? 20  ARG A C   1 
ATOM   179 O  O   . ARG A 1 20 ? -9.542  -0.306  -7.013  1.00 28.01 ? 20  ARG A O   1 
ATOM   180 C  CB  . ARG A 1 20 ? -7.955  2.058   -8.797  1.00 29.04 ? 20  ARG A CB  1 
ATOM   181 C  CG  . ARG A 1 20 ? -7.819  0.877   -9.709  1.00 31.33 ? 20  ARG A CG  1 
ATOM   182 C  CD  . ARG A 1 20 ? -8.896  0.609   -10.738 1.00 33.59 ? 20  ARG A CD  1 
ATOM   183 N  NE  . ARG A 1 20 ? -8.317  -0.514  -11.469 1.00 34.56 ? 20  ARG A NE  1 
ATOM   184 C  CZ  . ARG A 1 20 ? -8.336  -1.785  -11.050 1.00 36.99 ? 20  ARG A CZ  1 
ATOM   185 N  NH1 . ARG A 1 20 ? -8.997  -2.118  -9.947  1.00 37.05 ? 20  ARG A NH1 1 
ATOM   186 N  NH2 . ARG A 1 20 ? -7.693  -2.745  -11.738 1.00 32.29 ? 20  ARG A NH2 1 
ATOM   187 N  N   . ALA A 1 21 ? -7.808  0.661   -5.970  1.00 26.13 ? 21  ALA A N   1 
ATOM   188 C  CA  . ALA A 1 21 ? -7.562  -0.470  -5.062  1.00 25.26 ? 21  ALA A CA  1 
ATOM   189 C  C   . ALA A 1 21 ? -8.795  -0.668  -4.212  1.00 23.93 ? 21  ALA A C   1 
ATOM   190 O  O   . ALA A 1 21 ? -9.237  -1.806  -3.944  1.00 23.33 ? 21  ALA A O   1 
ATOM   191 C  CB  . ALA A 1 21 ? -6.379  -0.170  -4.145  1.00 22.68 ? 21  ALA A CB  1 
ATOM   192 N  N   . ALA A 1 22 ? -9.320  0.435   -3.678  1.00 23.51 ? 22  ALA A N   1 
ATOM   193 C  CA  . ALA A 1 22 ? -10.527 0.322   -2.844  1.00 26.24 ? 22  ALA A CA  1 
ATOM   194 C  C   . ALA A 1 22 ? -11.684 -0.319  -3.602  1.00 26.94 ? 22  ALA A C   1 
ATOM   195 O  O   . ALA A 1 22 ? -12.349 -1.191  -3.063  1.00 26.96 ? 22  ALA A O   1 
ATOM   196 C  CB  . ALA A 1 22 ? -10.933 1.686   -2.332  1.00 25.05 ? 22  ALA A CB  1 
ATOM   197 N  N   . GLU A 1 23 ? -11.913 0.090   -4.845  1.00 26.21 ? 23  GLU A N   1 
ATOM   198 C  CA  . GLU A 1 23 ? -13.026 -0.464  -5.638  1.00 30.07 ? 23  GLU A CA  1 
ATOM   199 C  C   . GLU A 1 23 ? -12.794 -1.938  -5.788  1.00 29.08 ? 23  GLU A C   1 
ATOM   200 O  O   . GLU A 1 23 ? -13.714 -2.760  -5.643  1.00 26.72 ? 23  GLU A O   1 
ATOM   201 C  CB  . GLU A 1 23 ? -13.079 0.133   -7.050  1.00 34.91 ? 23  GLU A CB  1 
ATOM   202 C  CG  . GLU A 1 23 ? -13.385 1.609   -7.184  1.00 46.02 ? 23  GLU A CG  1 
ATOM   203 C  CD  . GLU A 1 23 ? -14.851 1.972   -6.945  1.00 62.82 ? 23  GLU A CD  1 
ATOM   204 O  OE1 . GLU A 1 23 ? -15.629 1.154   -6.379  1.00 70.72 ? 23  GLU A OE1 1 
ATOM   205 O  OE2 . GLU A 1 23 ? -15.221 3.109   -7.339  1.00 67.09 ? 23  GLU A OE2 1 
ATOM   206 N  N   . GLU A 1 24 ? -11.548 -2.305  -6.029  1.00 26.17 ? 24  GLU A N   1 
ATOM   207 C  CA  . GLU A 1 24 ? -11.205 -3.722  -6.281  1.00 27.15 ? 24  GLU A CA  1 
ATOM   208 C  C   . GLU A 1 24 ? -11.401 -4.546  -5.037  1.00 28.36 ? 24  GLU A C   1 
ATOM   209 O  O   . GLU A 1 24 ? -11.914 -5.654  -5.090  1.00 29.44 ? 24  GLU A O   1 
ATOM   210 C  CB  . GLU A 1 24 ? -9.770  -3.844  -6.749  1.00 29.42 ? 24  GLU A CB  1 
ATOM   211 C  CG  . GLU A 1 24 ? -9.347  -5.235  -7.122  1.00 28.48 ? 24  GLU A CG  1 
ATOM   212 C  CD  . GLU A 1 24 ? -7.986  -5.281  -7.794  1.00 26.54 ? 24  GLU A CD  1 
ATOM   213 O  OE1 . GLU A 1 24 ? -7.142  -6.095  -7.367  1.00 25.12 ? 24  GLU A OE1 1 
ATOM   214 O  OE2 . GLU A 1 24 ? -7.792  -4.471  -8.729  1.00 29.49 ? 24  GLU A OE2 1 
ATOM   215 N  N   . LEU A 1 25 ? -11.053 -3.970  -3.891  1.00 25.49 ? 25  LEU A N   1 
ATOM   216 C  CA  . LEU A 1 25 ? -11.169 -4.669  -2.604  1.00 27.11 ? 25  LEU A CA  1 
ATOM   217 C  C   . LEU A 1 25 ? -12.566 -4.602  -2.000  1.00 28.02 ? 25  LEU A C   1 
ATOM   218 O  O   . LEU A 1 25 ? -12.827 -5.258  -0.990  1.00 27.14 ? 25  LEU A O   1 
ATOM   219 C  CB  . LEU A 1 25 ? -10.172 -4.072  -1.617  1.00 26.86 ? 25  LEU A CB  1 
ATOM   220 C  CG  . LEU A 1 25 ? -8.714  -4.446  -1.890  1.00 25.54 ? 25  LEU A CG  1 
ATOM   221 C  CD1 . LEU A 1 25 ? -7.791  -3.471  -1.185  1.00 24.82 ? 25  LEU A CD1 1 
ATOM   222 C  CD2 . LEU A 1 25 ? -8.353  -5.867  -1.511  1.00 27.09 ? 25  LEU A CD2 1 
ATOM   223 N  N   . ASN A 1 26 ? -13.439 -3.804  -2.590  1.00 27.18 ? 26  ASN A N   1 
ATOM   224 C  CA  . ASN A 1 26 ? -14.808 -3.599  -2.096  1.00 29.23 ? 26  ASN A CA  1 
ATOM   225 C  C   . ASN A 1 26 ? -14.814 -3.028  -0.688  1.00 29.91 ? 26  ASN A C   1 
ATOM   226 O  O   . ASN A 1 26 ? -15.599 -3.440  0.186   1.00 30.89 ? 26  ASN A O   1 
ATOM   227 C  CB  . ASN A 1 26 ? -15.607 -4.882  -2.176  1.00 32.66 ? 26  ASN A CB  1 
ATOM   228 C  CG  . ASN A 1 26 ? -15.759 -5.361  -3.596  1.00 40.05 ? 26  ASN A CG  1 
ATOM   229 O  OD1 . ASN A 1 26 ? -16.077 -4.576  -4.491  1.00 45.53 ? 26  ASN A OD1 1 
ATOM   230 N  ND2 . ASN A 1 26 ? -15.534 -6.648  -3.817  1.00 45.31 ? 26  ASN A ND2 1 
ATOM   231 N  N   . ILE A 1 27 ? -13.911 -2.077  -0.458  1.00 24.17 ? 27  ILE A N   1 
ATOM   232 C  CA  . ILE A 1 27 ? -13.850 -1.370  0.802   1.00 26.27 ? 27  ILE A CA  1 
ATOM   233 C  C   . ILE A 1 27 ? -13.660 0.092   0.423   1.00 26.69 ? 27  ILE A C   1 
ATOM   234 O  O   . ILE A 1 27 ? -13.461 0.389   -0.724  1.00 28.13 ? 27  ILE A O   1 
ATOM   235 C  CB  . ILE A 1 27 ? -12.767 -1.884  1.759   1.00 25.28 ? 27  ILE A CB  1 
ATOM   236 C  CG1 . ILE A 1 27 ? -11.341 -1.619  1.249   1.00 23.46 ? 27  ILE A CG1 1 
ATOM   237 C  CG2 . ILE A 1 27 ? -13.015 -3.349  2.118   1.00 25.54 ? 27  ILE A CG2 1 
ATOM   238 C  CD1 . ILE A 1 27 ? -10.253 -2.122  2.168   1.00 23.37 ? 27  ILE A CD1 1 
ATOM   239 N  N   . THR A 1 28 ? -13.727 0.988   1.400   1.00 26.54 ? 28  THR A N   1 
ATOM   240 C  CA  . THR A 1 28 ? -13.652 2.390   1.110   1.00 24.86 ? 28  THR A CA  1 
ATOM   241 C  C   . THR A 1 28 ? -12.183 2.808   0.986   1.00 20.53 ? 28  THR A C   1 
ATOM   242 O  O   . THR A 1 28 ? -11.304 2.139   1.488   1.00 22.80 ? 28  THR A O   1 
ATOM   243 C  CB  . THR A 1 28 ? -14.302 3.215   2.236   1.00 23.89 ? 28  THR A CB  1 
ATOM   244 O  OG1 . THR A 1 28 ? -13.572 3.015   3.428   1.00 27.79 ? 28  THR A OG1 1 
ATOM   245 C  CG2 . THR A 1 28 ? -15.780 2.805   2.467   1.00 29.70 ? 28  THR A CG2 1 
ATOM   246 N  N   . GLN A 1 29 ? -11.920 3.931   0.319   1.00 22.61 ? 29  GLN A N   1 
ATOM   247 C  CA  . GLN A 1 29 ? -10.558 4.388   0.274   1.00 21.91 ? 29  GLN A CA  1 
ATOM   248 C  C   . GLN A 1 29 ? -9.964  4.669   1.665   1.00 20.09 ? 29  GLN A C   1 
ATOM   249 O  O   . GLN A 1 29 ? -8.842  4.302   1.975   1.00 21.92 ? 29  GLN A O   1 
ATOM   250 C  CB  . GLN A 1 29 ? -10.455 5.560   -0.702  1.00 21.44 ? 29  GLN A CB  1 
ATOM   251 C  CG  . GLN A 1 29 ? -9.200  6.404   -0.596  1.00 22.90 ? 29  GLN A CG  1 
ATOM   252 C  CD  . GLN A 1 29 ? -9.275  7.450   0.548   1.00 21.81 ? 29  GLN A CD  1 
ATOM   253 O  OE1 . GLN A 1 29 ? -10.226 8.194   0.625   1.00 23.19 ? 29  GLN A OE1 1 
ATOM   254 N  NE2 . GLN A 1 29 ? -8.219  7.558   1.334   1.00 23.68 ? 29  GLN A NE2 1 
ATOM   255 N  N   . PRO A 1 30 ? -10.707 5.370   2.556   1.00 21.03 ? 30  PRO A N   1 
ATOM   256 C  CA  . PRO A 1 30 ? -10.087 5.515   3.836   1.00 22.53 ? 30  PRO A CA  1 
ATOM   257 C  C   . PRO A 1 30 ? -9.700  4.206   4.527   1.00 23.12 ? 30  PRO A C   1 
ATOM   258 O  O   . PRO A 1 30 ? -8.707  4.178   5.237   1.00 23.15 ? 30  PRO A O   1 
ATOM   259 C  CB  . PRO A 1 30 ? -11.110 6.345   4.624   1.00 24.47 ? 30  PRO A CB  1 
ATOM   260 C  CG  . PRO A 1 30 ? -11.860 7.065   3.613   1.00 22.80 ? 30  PRO A CG  1 
ATOM   261 C  CD  . PRO A 1 30 ? -11.928 6.150   2.410   1.00 23.53 ? 30  PRO A CD  1 
ATOM   262 N  N   . ALA A 1 31 ? -10.450 3.112   4.293   1.00 23.06 ? 31  ALA A N   1 
ATOM   263 C  CA  . ALA A 1 31 ? -10.081 1.814   4.825   1.00 25.64 ? 31  ALA A CA  1 
ATOM   264 C  C   . ALA A 1 31 ? -8.760  1.313   4.256   1.00 22.05 ? 31  ALA A C   1 
ATOM   265 O  O   . ALA A 1 31 ? -7.915  0.843   5.002   1.00 23.81 ? 31  ALA A O   1 
ATOM   266 C  CB  . ALA A 1 31 ? -11.170 0.796   4.548   1.00 25.71 ? 31  ALA A CB  1 
ATOM   267 N  N   . VAL A 1 32 ? -8.595  1.457   2.930   1.00 22.58 ? 32  VAL A N   1 
ATOM   268 C  CA  . VAL A 1 32 ? -7.367  1.129   2.250   1.00 22.33 ? 32  VAL A CA  1 
ATOM   269 C  C   . VAL A 1 32 ? -6.210  1.931   2.880   1.00 20.27 ? 32  VAL A C   1 
ATOM   270 O  O   . VAL A 1 32 ? -5.177  1.399   3.266   1.00 20.20 ? 32  VAL A O   1 
ATOM   271 C  CB  . VAL A 1 32 ? -7.472  1.448   0.721   1.00 24.80 ? 32  VAL A CB  1 
ATOM   272 C  CG1 . VAL A 1 32 ? -6.102  1.432   0.094   1.00 24.93 ? 32  VAL A CG1 1 
ATOM   273 C  CG2 . VAL A 1 32 ? -8.399  0.498   -0.045  1.00 25.24 ? 32  VAL A CG2 1 
ATOM   274 N  N   . SER A 1 33 ? -6.400  3.235   3.000   1.00 24.07 ? 33  SER A N   1 
ATOM   275 C  CA  . SER A 1 33 ? -5.367  4.097   3.556   1.00 22.22 ? 33  SER A CA  1 
ATOM   276 C  C   . SER A 1 33 ? -5.024  3.784   5.016   1.00 24.07 ? 33  SER A C   1 
ATOM   277 O  O   . SER A 1 33 ? -3.876  3.812   5.378   1.00 23.55 ? 33  SER A O   1 
ATOM   278 C  CB  . SER A 1 33 ? -5.775  5.560   3.404   1.00 23.50 ? 33  SER A CB  1 
ATOM   279 O  OG  . SER A 1 33 ? -5.811  6.003   2.077   1.00 22.70 ? 33  SER A OG  1 
ATOM   280 N  N   . GLN A 1 34 ? -6.015  3.381   5.838   1.00 22.84 ? 34  GLN A N   1 
ATOM   281 C  CA  . GLN A 1 34 ? -5.763  2.957   7.208   1.00 26.11 ? 34  GLN A CA  1 
ATOM   282 C  C   . GLN A 1 34 ? -4.930  1.659   7.293   1.00 23.03 ? 34  GLN A C   1 
ATOM   283 O  O   . GLN A 1 34 ? -4.056  1.524   8.140   1.00 24.61 ? 34  GLN A O   1 
ATOM   284 C  CB  . GLN A 1 34 ? -7.105  2.824   7.963   1.00 28.59 ? 34  GLN A CB  1 
ATOM   285 C  CG  . GLN A 1 34 ? -7.774  4.184   8.202   1.00 35.86 ? 34  GLN A CG  1 
ATOM   286 C  CD  . GLN A 1 34 ? -9.301  4.118   8.443   1.00 46.10 ? 34  GLN A CD  1 
ATOM   287 O  OE1 . GLN A 1 34 ? -9.910  3.044   8.338   1.00 53.99 ? 34  GLN A OE1 1 
ATOM   288 N  NE2 . GLN A 1 34 ? -9.924  5.277   8.756   1.00 48.83 ? 34  GLN A NE2 1 
ATOM   289 N  N   . HIS A 1 35 ? -5.169  0.694   6.395   1.00 21.65 ? 35  HIS A N   1 
ATOM   290 C  CA  . HIS A 1 35 ? -4.360  -0.480  6.376   1.00 23.11 ? 35  HIS A CA  1 
ATOM   291 C  C   . HIS A 1 35 ? -2.897  -0.152  6.104   1.00 19.80 ? 35  HIS A C   1 
ATOM   292 O  O   . HIS A 1 35 ? -2.011  -0.636  6.765   1.00 20.43 ? 35  HIS A O   1 
ATOM   293 C  CB  . HIS A 1 35 ? -4.796  -1.445  5.293   1.00 23.92 ? 35  HIS A CB  1 
ATOM   294 C  CG  . HIS A 1 35 ? -6.146  -2.076  5.519   1.00 27.13 ? 35  HIS A CG  1 
ATOM   295 N  ND1 . HIS A 1 35 ? -6.833  -2.739  4.524   1.00 28.68 ? 35  HIS A ND1 1 
ATOM   296 C  CD2 . HIS A 1 35 ? -6.923  -2.138  6.620   1.00 31.55 ? 35  HIS A CD2 1 
ATOM   297 C  CE1 . HIS A 1 35 ? -7.983  -3.189  5.011   1.00 33.48 ? 35  HIS A CE1 1 
ATOM   298 N  NE2 . HIS A 1 35 ? -8.059  -2.834  6.282   1.00 30.66 ? 35  HIS A NE2 1 
ATOM   299 N  N   A ILE A 1 36 ? -2.680  0.654   5.054   0.50 21.04 ? 36  ILE A N   1 
ATOM   300 N  N   B ILE A 1 36 ? -2.653  0.662   5.081   0.50 21.88 ? 36  ILE A N   1 
ATOM   301 C  CA  A ILE A 1 36 ? -1.340  1.097   4.687   0.50 20.42 ? 36  ILE A CA  1 
ATOM   302 C  CA  B ILE A 1 36 ? -1.287  1.034   4.765   0.50 21.79 ? 36  ILE A CA  1 
ATOM   303 C  C   A ILE A 1 36 ? -0.725  1.914   5.829   0.50 19.69 ? 36  ILE A C   1 
ATOM   304 C  C   B ILE A 1 36 ? -0.695  1.935   5.846   0.50 20.42 ? 36  ILE A C   1 
ATOM   305 O  O   A ILE A 1 36 ? 0.398   1.659   6.244   0.50 20.55 ? 36  ILE A O   1 
ATOM   306 O  O   B ILE A 1 36 ? 0.447   1.753   6.242   0.50 21.78 ? 36  ILE A O   1 
ATOM   307 C  CB  A ILE A 1 36 ? -1.359  1.955   3.412   0.50 19.24 ? 36  ILE A CB  1 
ATOM   308 C  CB  B ILE A 1 36 ? -1.227  1.641   3.374   0.50 21.22 ? 36  ILE A CB  1 
ATOM   309 C  CG1 A ILE A 1 36 ? -1.933  1.203   2.194   0.50 19.13 ? 36  ILE A CG1 1 
ATOM   310 C  CG1 B ILE A 1 36 ? -1.542  0.529   2.367   0.50 22.88 ? 36  ILE A CG1 1 
ATOM   311 C  CG2 A ILE A 1 36 ? 0.031   2.482   3.094   0.50 19.71 ? 36  ILE A CG2 1 
ATOM   312 C  CG2 B ILE A 1 36 ? 0.141   2.244   3.110   0.50 22.44 ? 36  ILE A CG2 1 
ATOM   313 C  CD1 A ILE A 1 36 ? -1.297  -0.135  1.898   0.50 19.78 ? 36  ILE A CD1 1 
ATOM   314 C  CD1 B ILE A 1 36 ? -1.892  1.013   0.986   0.50 22.49 ? 36  ILE A CD1 1 
ATOM   315 N  N   . ALA A 1 37 ? -1.483  2.866   6.357   1.00 21.63 ? 37  ALA A N   1 
ATOM   316 C  CA  . ALA A 1 37 ? -1.013  3.711   7.432   1.00 23.77 ? 37  ALA A CA  1 
ATOM   317 C  C   . ALA A 1 37 ? -0.572  2.892   8.662   1.00 24.15 ? 37  ALA A C   1 
ATOM   318 O  O   . ALA A 1 37 ? 0.368   3.209   9.325   1.00 25.91 ? 37  ALA A O   1 
ATOM   319 C  CB  . ALA A 1 37 ? -2.078  4.706   7.810   1.00 23.18 ? 37  ALA A CB  1 
ATOM   320 N  N   . HIS A 1 38 ? -1.303  1.837   8.996   1.00 22.31 ? 38  HIS A N   1 
ATOM   321 C  CA  . HIS A 1 38 ? -0.880  0.984   10.084  1.00 24.10 ? 38  HIS A CA  1 
ATOM   322 C  C   . HIS A 1 38 ? 0.498   0.333   9.828   1.00 23.33 ? 38  HIS A C   1 
ATOM   323 O  O   . HIS A 1 38 ? 1.304   0.250   10.717  1.00 24.86 ? 38  HIS A O   1 
ATOM   324 C  CB  . HIS A 1 38 ? -1.966  -0.075  10.280  1.00 27.30 ? 38  HIS A CB  1 
ATOM   325 C  CG  . HIS A 1 38 ? -1.815  -0.878  11.529  1.00 38.99 ? 38  HIS A CG  1 
ATOM   326 N  ND1 . HIS A 1 38 ? -2.613  -0.684  12.636  1.00 47.39 ? 38  HIS A ND1 1 
ATOM   327 C  CD2 . HIS A 1 38 ? -0.967  -1.885  11.846  1.00 44.85 ? 38  HIS A CD2 1 
ATOM   328 C  CE1 . HIS A 1 38 ? -2.257  -1.532  13.585  1.00 47.02 ? 38  HIS A CE1 1 
ATOM   329 N  NE2 . HIS A 1 38 ? -1.261  -2.272  13.131  1.00 47.17 ? 38  HIS A NE2 1 
ATOM   330 N  N   . LEU A 1 39 ? 0.744   -0.201  8.619   1.00 23.30 ? 39  LEU A N   1 
ATOM   331 C  CA  . LEU A 1 39 ? 2.018   -0.783  8.325   1.00 24.80 ? 39  LEU A CA  1 
ATOM   332 C  C   . LEU A 1 39 ? 3.128   0.268   8.413   1.00 21.99 ? 39  LEU A C   1 
ATOM   333 O  O   . LEU A 1 39 ? 4.187   0.001   8.938   1.00 22.50 ? 39  LEU A O   1 
ATOM   334 C  CB  . LEU A 1 39 ? 2.027   -1.350  6.888   1.00 25.09 ? 39  LEU A CB  1 
ATOM   335 C  CG  . LEU A 1 39 ? 1.141   -2.551  6.583   1.00 28.49 ? 39  LEU A CG  1 
ATOM   336 C  CD1 . LEU A 1 39 ? 1.125   -2.782  5.071   1.00 26.55 ? 39  LEU A CD1 1 
ATOM   337 C  CD2 . LEU A 1 39 ? 1.693   -3.740  7.298   1.00 29.53 ? 39  LEU A CD2 1 
ATOM   338 N  N   . GLU A 1 40 ? 2.846   1.458   7.915   1.00 23.63 ? 40  GLU A N   1 
ATOM   339 C  CA  . GLU A 1 40 ? 3.863   2.487   7.870   1.00 23.16 ? 40  GLU A CA  1 
ATOM   340 C  C   . GLU A 1 40 ? 4.177   2.971   9.284   1.00 25.02 ? 40  GLU A C   1 
ATOM   341 O  O   . GLU A 1 40 ? 5.326   3.247   9.598   1.00 24.92 ? 40  GLU A O   1 
ATOM   342 C  CB  . GLU A 1 40 ? 3.445   3.651   6.969   1.00 23.24 ? 40  GLU A CB  1 
ATOM   343 C  CG  . GLU A 1 40 ? 3.306   3.341   5.504   1.00 25.10 ? 40  GLU A CG  1 
ATOM   344 C  CD  . GLU A 1 40 ? 2.858   4.533   4.662   1.00 29.03 ? 40  GLU A CD  1 
ATOM   345 O  OE1 . GLU A 1 40 ? 2.111   5.419   5.157   1.00 29.38 ? 40  GLU A OE1 1 
ATOM   346 O  OE2 . GLU A 1 40 ? 3.266   4.598   3.464   1.00 28.65 ? 40  GLU A OE2 1 
ATOM   347 N  N   . ARG A 1 41 ? 3.152   3.041   10.129  1.00 24.24 ? 41  ARG A N   1 
ATOM   348 C  CA  . ARG A 1 41 ? 3.368   3.444   11.506  1.00 28.56 ? 41  ARG A CA  1 
ATOM   349 C  C   . ARG A 1 41 ? 4.090   2.325   12.300  1.00 28.75 ? 41  ARG A C   1 
ATOM   350 O  O   . ARG A 1 41 ? 5.045   2.584   13.048  1.00 29.48 ? 41  ARG A O   1 
ATOM   351 C  CB  . ARG A 1 41 ? 2.013   3.833   12.104  1.00 32.24 ? 41  ARG A CB  1 
ATOM   352 C  CG  . ARG A 1 41 ? 2.074   4.497   13.454  1.00 42.54 ? 41  ARG A CG  1 
ATOM   353 C  CD  . ARG A 1 41 ? 0.666   4.804   13.974  1.00 46.33 ? 41  ARG A CD  1 
ATOM   354 N  NE  . ARG A 1 41 ? -0.103  5.764   13.159  1.00 50.99 ? 41  ARG A NE  1 
ATOM   355 C  CZ  . ARG A 1 41 ? -1.077  5.462   12.285  1.00 54.17 ? 41  ARG A CZ  1 
ATOM   356 N  NH1 . ARG A 1 41 ? -1.464  4.201   12.068  1.00 53.92 ? 41  ARG A NH1 1 
ATOM   357 N  NH2 . ARG A 1 41 ? -1.695  6.444   11.631  1.00 53.93 ? 41  ARG A NH2 1 
ATOM   358 N  N   . ASP A 1 42 ? 3.689   1.066   12.078  1.00 26.74 ? 42  ASP A N   1 
ATOM   359 C  CA  . ASP A 1 42 ? 4.251   -0.086  12.764  1.00 30.84 ? 42  ASP A CA  1 
ATOM   360 C  C   . ASP A 1 42 ? 5.744   -0.268  12.451  1.00 29.89 ? 42  ASP A C   1 
ATOM   361 O  O   . ASP A 1 42 ? 6.529   -0.508  13.371  1.00 31.42 ? 42  ASP A O   1 
ATOM   362 C  CB  . ASP A 1 42 ? 3.411   -1.326  12.413  1.00 36.97 ? 42  ASP A CB  1 
ATOM   363 C  CG  . ASP A 1 42 ? 3.670   -2.530  13.310  1.00 48.40 ? 42  ASP A CG  1 
ATOM   364 O  OD1 . ASP A 1 42 ? 4.396   -2.409  14.323  1.00 56.76 ? 42  ASP A OD1 1 
ATOM   365 O  OD2 . ASP A 1 42 ? 3.114   -3.615  12.989  1.00 56.92 ? 42  ASP A OD2 1 
ATOM   366 N  N   . TYR A 1 43 ? 6.134   -0.126  11.171  1.00 26.28 ? 43  TYR A N   1 
ATOM   367 C  CA  . TYR A 1 43 ? 7.505   -0.314  10.716  1.00 26.63 ? 43  TYR A CA  1 
ATOM   368 C  C   . TYR A 1 43 ? 8.320   0.965   10.624  1.00 28.20 ? 43  TYR A C   1 
ATOM   369 O  O   . TYR A 1 43 ? 9.530   0.920   10.551  1.00 31.74 ? 43  TYR A O   1 
ATOM   370 C  CB  . TYR A 1 43 ? 7.546   -1.110  9.390   1.00 26.20 ? 43  TYR A CB  1 
ATOM   371 C  CG  . TYR A 1 43 ? 7.079   -2.515  9.669   1.00 27.01 ? 43  TYR A CG  1 
ATOM   372 C  CD1 . TYR A 1 43 ? 7.966   -3.471  10.134  1.00 27.72 ? 43  TYR A CD1 1 
ATOM   373 C  CD2 . TYR A 1 43 ? 5.745   -2.873  9.503   1.00 28.58 ? 43  TYR A CD2 1 
ATOM   374 C  CE1 . TYR A 1 43 ? 7.531   -4.746  10.439  1.00 27.68 ? 43  TYR A CE1 1 
ATOM   375 C  CE2 . TYR A 1 43 ? 5.304   -4.160  9.802   1.00 28.12 ? 43  TYR A CE2 1 
ATOM   376 C  CZ  . TYR A 1 43 ? 6.221   -5.089  10.240  1.00 27.38 ? 43  TYR A CZ  1 
ATOM   377 O  OH  . TYR A 1 43 ? 5.816   -6.368  10.566  1.00 31.08 ? 43  TYR A OH  1 
ATOM   378 N  N   . GLY A 1 44 ? 7.657   2.104   10.694  1.00 27.96 ? 44  GLY A N   1 
ATOM   379 C  CA  . GLY A 1 44 ? 8.356   3.362   10.706  1.00 27.74 ? 44  GLY A CA  1 
ATOM   380 C  C   . GLY A 1 44 ? 8.928   3.792   9.391   1.00 29.35 ? 44  GLY A C   1 
ATOM   381 O  O   . GLY A 1 44 ? 9.836   4.635   9.351   1.00 31.42 ? 44  GLY A O   1 
ATOM   382 N  N   . VAL A 1 45 ? 8.409   3.250   8.299   1.00 26.03 ? 45  VAL A N   1 
ATOM   383 C  CA  . VAL A 1 45 ? 8.901   3.628   6.964   1.00 27.49 ? 45  VAL A CA  1 
ATOM   384 C  C   . VAL A 1 45 ? 7.705   3.855   6.043   1.00 24.74 ? 45  VAL A C   1 
ATOM   385 O  O   . VAL A 1 45 ? 6.677   3.134   6.160   1.00 26.50 ? 45  VAL A O   1 
ATOM   386 C  CB  . VAL A 1 45 ? 9.832   2.555   6.344   1.00 31.59 ? 45  VAL A CB  1 
ATOM   387 C  CG1 . VAL A 1 45 ? 11.137  2.453   7.126   1.00 34.23 ? 45  VAL A CG1 1 
ATOM   388 C  CG2 . VAL A 1 45 ? 9.139   1.201   6.257   1.00 31.73 ? 45  VAL A CG2 1 
ATOM   389 N  N   . PRO A 1 46 ? 7.785   4.825   5.133   1.00 23.29 ? 46  PRO A N   1 
ATOM   390 C  CA  . PRO A 1 46 ? 6.723   5.041   4.196   1.00 22.58 ? 46  PRO A CA  1 
ATOM   391 C  C   . PRO A 1 46 ? 6.809   3.999   3.069   1.00 21.07 ? 46  PRO A C   1 
ATOM   392 O  O   . PRO A 1 46 ? 7.916   3.603   2.689   1.00 24.95 ? 46  PRO A O   1 
ATOM   393 C  CB  . PRO A 1 46 ? 7.052   6.397   3.590   1.00 28.48 ? 46  PRO A CB  1 
ATOM   394 C  CG  . PRO A 1 46 ? 8.529   6.409   3.569   1.00 28.93 ? 46  PRO A CG  1 
ATOM   395 C  CD  . PRO A 1 46 ? 8.960   5.677   4.814   1.00 27.41 ? 46  PRO A CD  1 
ATOM   396 N  N   . LEU A 1 47 ? 5.657   3.614   2.561   1.00 22.25 ? 47  LEU A N   1 
ATOM   397 C  CA  . LEU A 1 47 ? 5.588   2.622   1.477   1.00 20.66 ? 47  LEU A CA  1 
ATOM   398 C  C   . LEU A 1 47 ? 5.222   3.274   0.152   1.00 21.65 ? 47  LEU A C   1 
ATOM   399 O  O   . LEU A 1 47 ? 5.498   2.732   -0.923  1.00 20.64 ? 47  LEU A O   1 
ATOM   400 C  CB  . LEU A 1 47 ? 4.556   1.557   1.871   1.00 20.67 ? 47  LEU A CB  1 
ATOM   401 C  CG  . LEU A 1 47 ? 4.975   0.720   3.055   1.00 21.03 ? 47  LEU A CG  1 
ATOM   402 C  CD1 . LEU A 1 47 ? 3.783   -0.148  3.479   1.00 21.72 ? 47  LEU A CD1 1 
ATOM   403 C  CD2 . LEU A 1 47 ? 6.224   -0.139  2.889   1.00 22.66 ? 47  LEU A CD2 1 
ATOM   404 N  N   . PHE A 1 48 ? 4.528   4.382   0.210   1.00 21.26 ? 48  PHE A N   1 
ATOM   405 C  CA  . PHE A 1 48 ? 4.119   5.159   -0.958  1.00 22.06 ? 48  PHE A CA  1 
ATOM   406 C  C   . PHE A 1 48 ? 4.330   6.626   -0.702  1.00 23.91 ? 48  PHE A C   1 
ATOM   407 O  O   . PHE A 1 48 ? 4.422   7.043   0.447   1.00 23.08 ? 48  PHE A O   1 
ATOM   408 C  CB  . PHE A 1 48 ? 2.644   4.952   -1.266  1.00 23.42 ? 48  PHE A CB  1 
ATOM   409 C  CG  . PHE A 1 48 ? 2.295   3.524   -1.584  1.00 20.45 ? 48  PHE A CG  1 
ATOM   410 C  CD1 . PHE A 1 48 ? 2.522   3.006   -2.829  1.00 23.92 ? 48  PHE A CD1 1 
ATOM   411 C  CD2 . PHE A 1 48 ? 1.761   2.704   -0.601  1.00 23.20 ? 48  PHE A CD2 1 
ATOM   412 C  CE1 . PHE A 1 48 ? 2.221   1.698   -3.096  1.00 23.95 ? 48  PHE A CE1 1 
ATOM   413 C  CE2 . PHE A 1 48 ? 1.423   1.395   -0.871  1.00 25.21 ? 48  PHE A CE2 1 
ATOM   414 C  CZ  . PHE A 1 48 ? 1.682   0.877   -2.122  1.00 23.14 ? 48  PHE A CZ  1 
ATOM   415 N  N   . ALA A 1 49 ? 4.395   7.393   -1.793  1.00 25.43 ? 49  ALA A N   1 
ATOM   416 C  CA  . ALA A 1 49 ? 4.504   8.845   -1.712  1.00 26.66 ? 49  ALA A CA  1 
ATOM   417 C  C   . ALA A 1 49 ? 4.035   9.479   -3.001  1.00 25.45 ? 49  ALA A C   1 
ATOM   418 O  O   . ALA A 1 49 ? 4.098   8.855   -4.053  1.00 25.79 ? 49  ALA A O   1 
ATOM   419 C  CB  . ALA A 1 49 ? 5.940   9.275   -1.428  1.00 27.53 ? 49  ALA A CB  1 
ATOM   420 N  N   . TYR A 1 50 ? 3.518   10.696  -2.908  1.00 25.02 ? 50  TYR A N   1 
ATOM   421 C  CA  . TYR A 1 50 ? 3.225   11.481  -4.100  1.00 24.76 ? 50  TYR A CA  1 
ATOM   422 C  C   . TYR A 1 50 ? 4.485   12.291  -4.396  1.00 26.68 ? 50  TYR A C   1 
ATOM   423 O  O   . TYR A 1 50 ? 5.122   12.791  -3.499  1.00 28.39 ? 50  TYR A O   1 
ATOM   424 C  CB  . TYR A 1 50 ? 2.070   12.485  -3.962  1.00 27.14 ? 50  TYR A CB  1 
ATOM   425 C  CG  . TYR A 1 50 ? 0.682   11.881  -3.873  1.00 26.45 ? 50  TYR A CG  1 
ATOM   426 C  CD1 . TYR A 1 50 ? 0.264   10.942  -4.796  1.00 28.07 ? 50  TYR A CD1 1 
ATOM   427 C  CD2 . TYR A 1 50 ? -0.232  12.303  -2.899  1.00 28.24 ? 50  TYR A CD2 1 
ATOM   428 C  CE1 . TYR A 1 50 ? -1.002  10.384  -4.730  1.00 29.09 ? 50  TYR A CE1 1 
ATOM   429 C  CE2 . TYR A 1 50 ? -1.524  11.775  -2.846  1.00 26.88 ? 50  TYR A CE2 1 
ATOM   430 C  CZ  . TYR A 1 50 ? -1.901  10.796  -3.766  1.00 30.52 ? 50  TYR A CZ  1 
ATOM   431 O  OH  . TYR A 1 50 ? -3.155  10.203  -3.732  1.00 30.36 ? 50  TYR A OH  1 
ATOM   432 N  N   . ARG A 1 51 ? 4.831   12.345  -5.658  1.00 29.28 ? 51  ARG A N   1 
ATOM   433 C  CA  . ARG A 1 51 ? 5.937   13.185  -6.096  1.00 38.52 ? 51  ARG A CA  1 
ATOM   434 C  C   . ARG A 1 51 ? 5.384   13.874  -7.297  1.00 43.24 ? 51  ARG A C   1 
ATOM   435 O  O   . ARG A 1 51 ? 4.988   13.207  -8.259  1.00 38.90 ? 51  ARG A O   1 
ATOM   436 C  CB  . ARG A 1 51 ? 7.177   12.399  -6.490  1.00 44.07 ? 51  ARG A CB  1 
ATOM   437 C  CG  . ARG A 1 51 ? 8.025   11.862  -5.345  1.00 52.96 ? 51  ARG A CG  1 
ATOM   438 C  CD  . ARG A 1 51 ? 9.457   11.518  -5.778  1.00 59.35 ? 51  ARG A CD  1 
ATOM   439 N  NE  . ARG A 1 51 ? 9.533   10.591  -6.917  1.00 61.26 ? 51  ARG A NE  1 
ATOM   440 C  CZ  . ARG A 1 51 ? 9.540   10.949  -8.206  1.00 59.08 ? 51  ARG A CZ  1 
ATOM   441 N  NH1 . ARG A 1 51 ? 9.462   12.231  -8.568  1.00 62.32 ? 51  ARG A NH1 1 
ATOM   442 N  NH2 . ARG A 1 51 ? 9.622   10.011  -9.150  1.00 60.05 ? 51  ARG A NH2 1 
ATOM   443 N  N   . ASN A 1 52 ? 5.348   15.207  -7.229  1.00 47.98 ? 52  ASN A N   1 
ATOM   444 C  CA  . ASN A 1 52 ? 4.832   16.028  -8.312  1.00 48.61 ? 52  ASN A CA  1 
ATOM   445 C  C   . ASN A 1 52 ? 3.526   15.465  -8.821  1.00 50.14 ? 52  ASN A C   1 
ATOM   446 O  O   . ASN A 1 52 ? 3.375   15.131  -9.997  1.00 52.08 ? 52  ASN A O   1 
ATOM   447 C  CB  . ASN A 1 52 ? 5.872   16.150  -9.423  1.00 49.66 ? 52  ASN A CB  1 
ATOM   448 C  CG  . ASN A 1 52 ? 7.122   16.856  -8.953  1.00 48.97 ? 52  ASN A CG  1 
ATOM   449 O  OD1 . ASN A 1 52 ? 7.045   17.945  -8.371  1.00 51.46 ? 52  ASN A OD1 1 
ATOM   450 N  ND2 . ASN A 1 52 ? 8.276   16.240  -9.178  1.00 46.18 ? 52  ASN A ND2 1 
ATOM   451 N  N   . LYS A 1 53 ? 2.607   15.297  -7.878  1.00 52.73 ? 53  LYS A N   1 
ATOM   452 C  CA  . LYS A 1 53 ? 1.248   14.882  -8.174  1.00 57.23 ? 53  LYS A CA  1 
ATOM   453 C  C   . LYS A 1 53 ? 1.086   13.453  -8.720  1.00 51.52 ? 53  LYS A C   1 
ATOM   454 O  O   . LYS A 1 53 ? 0.026   13.127  -9.250  1.00 50.50 ? 53  LYS A O   1 
ATOM   455 C  CB  . LYS A 1 53 ? 0.638   15.916  -9.146  1.00 66.85 ? 53  LYS A CB  1 
ATOM   456 C  CG  . LYS A 1 53 ? 0.850   17.361  -8.679  1.00 76.37 ? 53  LYS A CG  1 
ATOM   457 C  CD  . LYS A 1 53 ? 0.609   18.403  -9.763  1.00 84.14 ? 53  LYS A CD  1 
ATOM   458 C  CE  . LYS A 1 53 ? 0.968   19.793  -9.254  1.00 85.72 ? 53  LYS A CE  1 
ATOM   459 N  NZ  . LYS A 1 53 ? 0.841   20.844  -10.301 1.00 90.83 ? 53  LYS A NZ  1 
ATOM   460 N  N   . LYS A 1 54 ? 2.109   12.600  -8.584  1.00 39.77 ? 54  LYS A N   1 
ATOM   461 C  CA  . LYS A 1 54 ? 2.010   11.217  -9.078  1.00 34.91 ? 54  LYS A CA  1 
ATOM   462 C  C   . LYS A 1 54 ? 2.396   10.211  -7.985  1.00 26.91 ? 54  LYS A C   1 
ATOM   463 O  O   . LYS A 1 54 ? 3.349   10.435  -7.280  1.00 28.43 ? 54  LYS A O   1 
ATOM   464 C  CB  . LYS A 1 54 ? 2.896   11.014  -10.296 1.00 38.63 ? 54  LYS A CB  1 
ATOM   465 C  CG  . LYS A 1 54 ? 2.718   9.644   -10.941 1.00 44.67 ? 54  LYS A CG  1 
ATOM   466 C  CD  . LYS A 1 54 ? 3.416   9.494   -12.292 1.00 56.05 ? 54  LYS A CD  1 
ATOM   467 C  CE  . LYS A 1 54 ? 2.837   8.296   -13.037 1.00 60.53 ? 54  LYS A CE  1 
ATOM   468 N  NZ  . LYS A 1 54 ? 3.474   7.996   -14.354 1.00 66.73 ? 54  LYS A NZ  1 
ATOM   469 N  N   . LEU A 1 55 ? 1.606   9.146   -7.824  1.00 26.29 ? 55  LEU A N   1 
ATOM   470 C  CA  . LEU A 1 55 ? 1.916   8.120   -6.829  1.00 25.60 ? 55  LEU A CA  1 
ATOM   471 C  C   . LEU A 1 55 ? 3.212   7.368   -7.176  1.00 24.04 ? 55  LEU A C   1 
ATOM   472 O  O   . LEU A 1 55 ? 3.414   6.957   -8.348  1.00 26.72 ? 55  LEU A O   1 
ATOM   473 C  CB  . LEU A 1 55 ? 0.749   7.123   -6.629  1.00 24.54 ? 55  LEU A CB  1 
ATOM   474 C  CG  . LEU A 1 55 ? 0.887   6.210   -5.404  1.00 23.13 ? 55  LEU A CG  1 
ATOM   475 C  CD1 . LEU A 1 55 ? 0.744   7.022   -4.115  1.00 21.97 ? 55  LEU A CD1 1 
ATOM   476 C  CD2 . LEU A 1 55 ? -0.128  5.085   -5.352  1.00 25.65 ? 55  LEU A CD2 1 
ATOM   477 N  N   . GLN A 1 56 ? 4.045   7.167   -6.163  1.00 22.91 ? 56  GLN A N   1 
ATOM   478 C  CA  . GLN A 1 56 ? 5.290   6.449   -6.243  1.00 26.01 ? 56  GLN A CA  1 
ATOM   479 C  C   . GLN A 1 56 ? 5.359   5.349   -5.174  1.00 24.74 ? 56  GLN A C   1 
ATOM   480 O  O   . GLN A 1 56 ? 4.845   5.521   -4.071  1.00 24.59 ? 56  GLN A O   1 
ATOM   481 C  CB  . GLN A 1 56 ? 6.463   7.401   -5.960  1.00 30.64 ? 56  GLN A CB  1 
ATOM   482 C  CG  . GLN A 1 56 ? 6.466   8.708   -6.748  1.00 31.87 ? 56  GLN A CG  1 
ATOM   483 C  CD  . GLN A 1 56 ? 6.554   8.510   -8.253  1.00 35.73 ? 56  GLN A CD  1 
ATOM   484 O  OE1 . GLN A 1 56 ? 7.030   7.489   -8.751  1.00 39.41 ? 56  GLN A OE1 1 
ATOM   485 N  NE2 . GLN A 1 56 ? 6.077   9.504   -8.998  1.00 41.27 ? 56  GLN A NE2 1 
ATOM   486 N  N   . LEU A 1 57 ? 6.016   4.251   -5.510  1.00 22.27 ? 57  LEU A N   1 
ATOM   487 C  CA  . LEU A 1 57 ? 6.344   3.214   -4.567  1.00 23.06 ? 57  LEU A CA  1 
ATOM   488 C  C   . LEU A 1 57 ? 7.705   3.605   -4.007  1.00 24.84 ? 57  LEU A C   1 
ATOM   489 O  O   . LEU A 1 57 ? 8.678   3.847   -4.760  1.00 24.71 ? 57  LEU A O   1 
ATOM   490 C  CB  . LEU A 1 57 ? 6.438   1.864   -5.257  1.00 24.10 ? 57  LEU A CB  1 
ATOM   491 C  CG  . LEU A 1 57 ? 6.691   0.680   -4.371  1.00 23.01 ? 57  LEU A CG  1 
ATOM   492 C  CD1 . LEU A 1 57 ? 5.437   0.342   -3.554  1.00 24.60 ? 57  LEU A CD1 1 
ATOM   493 C  CD2 . LEU A 1 57 ? 7.053   -0.535  -5.217  1.00 23.85 ? 57  LEU A CD2 1 
ATOM   494 N  N   . THR A 1 58 ? 7.810   3.712   -2.690  1.00 22.38 ? 58  THR A N   1 
ATOM   495 C  CA  . THR A 1 58 ? 9.078   4.041   -2.067  1.00 23.21 ? 58  THR A CA  1 
ATOM   496 C  C   . THR A 1 58 ? 10.106  2.905   -2.099  1.00 23.17 ? 58  THR A C   1 
ATOM   497 O  O   . THR A 1 58 ? 9.801   1.786   -2.538  1.00 22.05 ? 58  THR A O   1 
ATOM   498 C  CB  . THR A 1 58 ? 8.895   4.435   -0.604  1.00 23.10 ? 58  THR A CB  1 
ATOM   499 O  OG1 . THR A 1 58 ? 8.500   3.259   0.121   1.00 21.57 ? 58  THR A OG1 1 
ATOM   500 C  CG2 . THR A 1 58 ? 7.887   5.492   -0.460  1.00 25.33 ? 58  THR A CG2 1 
ATOM   501 N  N   . ASP A 1 59 ? 11.348  3.193   -1.693  1.00 25.33 ? 59  ASP A N   1 
ATOM   502 C  CA  . ASP A 1 59 ? 12.362  2.150   -1.599  1.00 24.23 ? 59  ASP A CA  1 
ATOM   503 C  C   . ASP A 1 59 ? 11.897  1.034   -0.668  1.00 22.75 ? 59  ASP A C   1 
ATOM   504 O  O   . ASP A 1 59 ? 12.055  -0.127  -0.996  1.00 24.65 ? 59  ASP A O   1 
ATOM   505 C  CB  . ASP A 1 59 ? 13.689  2.719   -1.131  1.00 26.84 ? 59  ASP A CB  1 
ATOM   506 C  CG  . ASP A 1 59 ? 14.342  3.624   -2.172  1.00 31.97 ? 59  ASP A CG  1 
ATOM   507 O  OD1 . ASP A 1 59 ? 13.983  3.569   -3.354  1.00 37.51 ? 59  ASP A OD1 1 
ATOM   508 O  OD2 . ASP A 1 59 ? 15.256  4.369   -1.787  1.00 38.54 ? 59  ASP A OD2 1 
ATOM   509 N  N   . ALA A 1 60 ? 11.321  1.368   0.480   1.00 24.43 ? 60  ALA A N   1 
ATOM   510 C  CA  . ALA A 1 60 ? 10.796  0.324   1.407   1.00 23.85 ? 60  ALA A CA  1 
ATOM   511 C  C   . ALA A 1 60 ? 9.626   -0.428  0.784   1.00 23.18 ? 60  ALA A C   1 
ATOM   512 O  O   . ALA A 1 60 ? 9.481   -1.658  0.992   1.00 25.89 ? 60  ALA A O   1 
ATOM   513 C  CB  . ALA A 1 60 ? 10.350  0.948   2.716   1.00 24.49 ? 60  ALA A CB  1 
ATOM   514 N  N   . GLY A 1 61 ? 8.791   0.271   0.022   1.00 20.65 ? 61  GLY A N   1 
ATOM   515 C  CA  . GLY A 1 61 ? 7.664   -0.341  -0.707  1.00 20.75 ? 61  GLY A CA  1 
ATOM   516 C  C   . GLY A 1 61 ? 8.174   -1.416  -1.669  1.00 22.30 ? 61  GLY A C   1 
ATOM   517 O  O   . GLY A 1 61 ? 7.630   -2.494  -1.756  1.00 23.42 ? 61  GLY A O   1 
ATOM   518 N  N   . ALA A 1 62 ? 9.240   -1.108  -2.413  1.00 20.84 ? 62  ALA A N   1 
ATOM   519 C  CA  . ALA A 1 62 ? 9.806   -2.084  -3.340  1.00 19.85 ? 62  ALA A CA  1 
ATOM   520 C  C   . ALA A 1 62 ? 10.423  -3.293  -2.625  1.00 21.39 ? 62  ALA A C   1 
ATOM   521 O  O   . ALA A 1 62 ? 10.338  -4.427  -3.113  1.00 22.75 ? 62  ALA A O   1 
ATOM   522 C  CB  . ALA A 1 62 ? 10.832  -1.368  -4.223  1.00 20.84 ? 62  ALA A CB  1 
ATOM   523 N  N   . LEU A 1 63 ? 11.020  -3.094  -1.443  1.00 21.38 ? 63  LEU A N   1 
ATOM   524 C  CA  . LEU A 1 63 ? 11.629  -4.132  -0.686  1.00 20.35 ? 63  LEU A CA  1 
ATOM   525 C  C   . LEU A 1 63 ? 10.499  -5.043  -0.175  1.00 21.65 ? 63  LEU A C   1 
ATOM   526 O  O   . LEU A 1 63 ? 10.579  -6.261  -0.304  1.00 24.30 ? 63  LEU A O   1 
ATOM   527 C  CB  . LEU A 1 63 ? 12.393  -3.533  0.491   1.00 23.53 ? 63  LEU A CB  1 
ATOM   528 C  CG  . LEU A 1 63 ? 13.098  -4.503  1.442   1.00 25.80 ? 63  LEU A CG  1 
ATOM   529 C  CD1 . LEU A 1 63 ? 14.247  -5.241  0.810   1.00 29.90 ? 63  LEU A CD1 1 
ATOM   530 C  CD2 . LEU A 1 63 ? 13.535  -3.761  2.719   1.00 27.65 ? 63  LEU A CD2 1 
ATOM   531 N  N   . LEU A 1 64 ? 9.428   -4.425  0.308   1.00 21.59 ? 64  LEU A N   1 
ATOM   532 C  CA  . LEU A 1 64 ? 8.260   -5.199  0.795   1.00 21.93 ? 64  LEU A CA  1 
ATOM   533 C  C   . LEU A 1 64 ? 7.669   -6.019  -0.352  1.00 23.29 ? 64  LEU A C   1 
ATOM   534 O  O   . LEU A 1 64 ? 7.369   -7.223  -0.187  1.00 24.29 ? 64  LEU A O   1 
ATOM   535 C  CB  . LEU A 1 64 ? 7.197   -4.269  1.405   1.00 22.13 ? 64  LEU A CB  1 
ATOM   536 C  CG  . LEU A 1 64 ? 5.951   -4.982  1.993   1.00 22.26 ? 64  LEU A CG  1 
ATOM   537 C  CD1 . LEU A 1 64 ? 6.317   -6.030  3.017   1.00 22.04 ? 64  LEU A CD1 1 
ATOM   538 C  CD2 . LEU A 1 64 ? 5.034   -3.945  2.585   1.00 22.52 ? 64  LEU A CD2 1 
ATOM   539 N  N   . ARG A 1 65 ? 7.459   -5.369  -1.495  1.00 21.89 ? 65  ARG A N   1 
ATOM   540 C  CA  . ARG A 1 65 ? 6.915   -6.050  -2.680  1.00 23.58 ? 65  ARG A CA  1 
ATOM   541 C  C   . ARG A 1 65 ? 7.713   -7.285  -2.999  1.00 26.03 ? 65  ARG A C   1 
ATOM   542 O  O   . ARG A 1 65 ? 7.155   -8.372  -3.152  1.00 26.18 ? 65  ARG A O   1 
ATOM   543 C  CB  . ARG A 1 65 ? 6.917   -5.118  -3.907  1.00 24.66 ? 65  ARG A CB  1 
ATOM   544 C  CG  . ARG A 1 65 ? 6.452   -5.781  -5.234  1.00 23.96 ? 65  ARG A CG  1 
ATOM   545 C  CD  . ARG A 1 65 ? 6.901   -4.911  -6.397  1.00 23.51 ? 65  ARG A CD  1 
ATOM   546 N  NE  . ARG A 1 65 ? 8.330   -4.902  -6.428  1.00 21.58 ? 65  ARG A NE  1 
ATOM   547 C  CZ  . ARG A 1 65 ? 9.100   -3.913  -6.867  1.00 23.59 ? 65  ARG A CZ  1 
ATOM   548 N  NH1 . ARG A 1 65 ? 10.404  -4.052  -6.784  1.00 27.75 ? 65  ARG A NH1 1 
ATOM   549 N  NH2 . ARG A 1 65 ? 8.588   -2.769  -7.272  1.00 25.09 ? 65  ARG A NH2 1 
ATOM   550 N  N   . ASP A 1 66 ? 9.022   -7.119  -3.183  1.00 25.19 ? 66  ASP A N   1 
ATOM   551 C  CA  . ASP A 1 66 ? 9.853   -8.268  -3.550  1.00 24.44 ? 66  ASP A CA  1 
ATOM   552 C  C   . ASP A 1 66 ? 9.951   -9.329  -2.456  1.00 26.94 ? 66  ASP A C   1 
ATOM   553 O  O   . ASP A 1 66 ? 10.027  -10.506 -2.731  1.00 27.27 ? 66  ASP A O   1 
ATOM   554 C  CB  . ASP A 1 66 ? 11.231  -7.796  -4.018  1.00 25.20 ? 66  ASP A CB  1 
ATOM   555 C  CG  . ASP A 1 66 ? 11.182  -7.028  -5.317  1.00 26.54 ? 66  ASP A CG  1 
ATOM   556 O  OD1 . ASP A 1 66 ? 10.147  -7.018  -6.024  1.00 29.14 ? 66  ASP A OD1 1 
ATOM   557 O  OD2 . ASP A 1 66 ? 12.226  -6.428  -5.662  1.00 30.17 ? 66  ASP A OD2 1 
ATOM   558 N  N   . ALA A 1 67 ? 9.952   -8.924  -1.187  1.00 22.47 ? 67  ALA A N   1 
ATOM   559 C  CA  . ALA A 1 67 ? 10.064  -9.892  -0.097  1.00 26.16 ? 67  ALA A CA  1 
ATOM   560 C  C   . ALA A 1 67 ? 8.835   -10.762 -0.019  1.00 29.08 ? 67  ALA A C   1 
ATOM   561 O  O   . ALA A 1 67 ? 8.930   -11.940 0.301   1.00 33.24 ? 67  ALA A O   1 
ATOM   562 C  CB  . ALA A 1 67 ? 10.234  -9.159  1.226   1.00 23.68 ? 67  ALA A CB  1 
ATOM   563 N  N   . LEU A 1 68 ? 7.690   -10.175 -0.338  1.00 27.22 ? 68  LEU A N   1 
ATOM   564 C  CA  . LEU A 1 68 ? 6.413   -10.899 -0.278  1.00 29.10 ? 68  LEU A CA  1 
ATOM   565 C  C   . LEU A 1 68 ? 6.286   -11.911 -1.405  1.00 34.98 ? 68  LEU A C   1 
ATOM   566 O  O   . LEU A 1 68 ? 5.533   -12.866 -1.278  1.00 43.83 ? 68  LEU A O   1 
ATOM   567 C  CB  . LEU A 1 68 ? 5.219   -9.958  -0.264  1.00 27.60 ? 68  LEU A CB  1 
ATOM   568 C  CG  . LEU A 1 68 ? 5.053   -9.121  1.010   1.00 25.76 ? 68  LEU A CG  1 
ATOM   569 C  CD1 . LEU A 1 68 ? 4.038   -8.021  0.822   1.00 27.47 ? 68  LEU A CD1 1 
ATOM   570 C  CD2 . LEU A 1 68 ? 4.636   -10.037 2.142   1.00 28.75 ? 68  LEU A CD2 1 
ATOM   571 N  N   . SER A 1 69 ? 7.043   -11.733 -2.475  1.00 36.31 ? 69  SER A N   1 
ATOM   572 C  CA  . SER A 1 69 ? 7.042   -12.695 -3.581  1.00 44.95 ? 69  SER A CA  1 
ATOM   573 C  C   . SER A 1 69 ? 8.205   -13.713 -3.510  1.00 50.92 ? 69  SER A C   1 
ATOM   574 O  O   . SER A 1 69 ? 8.525   -14.369 -4.507  1.00 54.86 ? 69  SER A O   1 
ATOM   575 C  CB  . SER A 1 69 ? 7.033   -11.952 -4.916  1.00 46.95 ? 69  SER A CB  1 
ATOM   576 O  OG  . SER A 1 69 ? 8.231   -11.256 -5.150  1.00 53.15 ? 69  SER A OG  1 
ATOM   577 N  N   . THR A 1 70 ? 8.798   -13.854 -2.322  1.00 55.81 ? 70  THR A N   1 
ATOM   578 C  CA  . THR A 1 70 ? 9.900   -14.780 -2.051  1.00 57.85 ? 70  THR A CA  1 
ATOM   579 C  C   . THR A 1 70 ? 9.447   -15.787 -0.996  1.00 64.94 ? 70  THR A C   1 
ATOM   580 O  O   . THR A 1 70 ? 8.911   -16.849 -1.318  1.00 71.27 ? 70  THR A O   1 
ATOM   581 C  CB  . THR A 1 70 ? 11.130  -14.026 -1.506  1.00 53.97 ? 70  THR A CB  1 
ATOM   582 O  OG1 . THR A 1 70 ? 11.520  -13.012 -2.435  1.00 50.61 ? 70  THR A OG1 1 
ATOM   583 C  CG2 . THR A 1 70 ? 12.305  -14.968 -1.263  1.00 54.21 ? 70  THR A CG2 1 
HETATM 584 CL CL  . CL  B 2 .  ? -3.534  7.508   -5.315  1.00 28.56 ? 101 CL  A CL  1 
HETATM 585 O  O   . HOH C 3 .  ? 3.901   -8.935  -9.645  1.00 28.75 ? 201 HOH A O   1 
HETATM 586 O  O   . HOH C 3 .  ? -5.724  -1.498  9.934   1.00 34.95 ? 202 HOH A O   1 
HETATM 587 O  O   . HOH C 3 .  ? -6.261  3.727   -12.583 1.00 28.08 ? 203 HOH A O   1 
HETATM 588 O  O   . HOH C 3 .  ? 10.625  -0.320  -7.995  1.00 28.81 ? 204 HOH A O   1 
HETATM 589 O  O   . HOH C 3 .  ? 7.479   4.529   -8.115  1.00 30.83 ? 205 HOH A O   1 
HETATM 590 O  O   . HOH C 3 .  ? -14.854 -0.263  4.203   1.00 30.79 ? 206 HOH A O   1 
HETATM 591 O  O   . HOH C 3 .  ? -7.756  7.514   -7.622  1.00 24.50 ? 207 HOH A O   1 
HETATM 592 O  O   . HOH C 3 .  ? -7.402  -6.047  2.186   1.00 32.75 ? 208 HOH A O   1 
HETATM 593 O  O   . HOH C 3 .  ? -7.346  -6.790  -4.713  1.00 27.17 ? 209 HOH A O   1 
HETATM 594 O  O   . HOH C 3 .  ? -1.895  -1.305  -12.793 1.00 27.87 ? 210 HOH A O   1 
HETATM 595 O  O   . HOH C 3 .  ? 0.414   -6.025  10.031  1.00 34.78 ? 211 HOH A O   1 
HETATM 596 O  O   . HOH C 3 .  ? -14.216 5.173   -0.900  1.00 30.98 ? 212 HOH A O   1 
HETATM 597 O  O   . HOH C 3 .  ? -8.603  7.503   -9.994  1.00 35.46 ? 213 HOH A O   1 
HETATM 598 O  O   . HOH C 3 .  ? -4.661  -2.719  -12.381 1.00 36.17 ? 214 HOH A O   1 
HETATM 599 O  O   . HOH C 3 .  ? 0.231   6.891   6.515   1.00 29.88 ? 215 HOH A O   1 
HETATM 600 O  O   . HOH C 3 .  ? 5.015   -9.101  -4.988  1.00 32.70 ? 216 HOH A O   1 
HETATM 601 O  O   . HOH C 3 .  ? 12.054  6.112   -1.345  1.00 35.77 ? 217 HOH A O   1 
HETATM 602 O  O   . HOH C 3 .  ? 11.347  4.080   1.876   1.00 35.55 ? 218 HOH A O   1 
HETATM 603 O  O   . HOH C 3 .  ? 10.450  -1.484  11.341  1.00 38.13 ? 219 HOH A O   1 
HETATM 604 O  O   . HOH C 3 .  ? -8.976  3.728   -12.206 1.00 33.54 ? 220 HOH A O   1 
HETATM 605 O  O   . HOH C 3 .  ? -2.610  7.270   -8.406  1.00 36.06 ? 221 HOH A O   1 
HETATM 606 O  O   . HOH C 3 .  ? -14.534 4.634   5.824   1.00 43.83 ? 222 HOH A O   1 
HETATM 607 O  O   . HOH C 3 .  ? 10.496  1.887   -5.858  1.00 43.43 ? 223 HOH A O   1 
HETATM 608 O  O   . HOH C 3 .  ? 7.503   -13.733 1.866   0.50 42.64 ? 224 HOH A O   1 
HETATM 609 O  O   . HOH C 3 .  ? 12.666  4.139   4.201   1.00 39.84 ? 225 HOH A O   1 
HETATM 610 O  O   . HOH C 3 .  ? -2.988  -12.824 9.358   1.00 50.01 ? 226 HOH A O   1 
HETATM 611 O  O   . HOH C 3 .  ? -0.622  8.619   -9.615  1.00 37.69 ? 227 HOH A O   1 
HETATM 612 O  O   . HOH C 3 .  ? 6.088   5.933   8.268   1.00 42.96 ? 228 HOH A O   1 
HETATM 613 O  O   . HOH C 3 .  ? 9.876   -5.453  -10.056 1.00 44.14 ? 229 HOH A O   1 
HETATM 614 O  O   . HOH C 3 .  ? -16.367 -2.032  -5.427  1.00 49.00 ? 230 HOH A O   1 
HETATM 615 O  O   . HOH C 3 .  ? 2.561   16.768  -12.334 1.00 66.19 ? 231 HOH A O   1 
HETATM 616 O  O   . HOH C 3 .  ? -9.800  -6.311  2.763   1.00 44.18 ? 232 HOH A O   1 
HETATM 617 O  O   . HOH C 3 .  ? 9.498   7.934   -3.214  1.00 43.08 ? 233 HOH A O   1 
HETATM 618 O  O   . HOH C 3 .  ? -13.198 3.532   -4.759  1.00 37.45 ? 234 HOH A O   1 
HETATM 619 O  O   . HOH C 3 .  ? 4.617   19.461  -8.238  1.00 60.57 ? 235 HOH A O   1 
HETATM 620 O  O   . HOH C 3 .  ? 1.255   -3.658  10.593  1.00 41.10 ? 236 HOH A O   1 
HETATM 621 O  O   . HOH C 3 .  ? -9.432  -0.171  7.358   1.00 44.91 ? 237 HOH A O   1 
HETATM 622 O  O   . HOH C 3 .  ? -14.705 1.544   -3.176  1.00 49.05 ? 238 HOH A O   1 
HETATM 623 O  O   . HOH C 3 .  ? 7.667   12.431  -2.360  1.00 50.55 ? 239 HOH A O   1 
HETATM 624 O  O   A HOH C 3 .  ? 10.107  6.275   -5.270  0.50 31.80 ? 240 HOH A O   1 
HETATM 625 O  O   B HOH C 3 .  ? 10.236  4.752   -6.259  0.50 32.53 ? 240 HOH A O   1 
HETATM 626 O  O   . HOH C 3 .  ? -0.998  5.824   -10.864 1.00 44.18 ? 241 HOH A O   1 
HETATM 627 O  O   . HOH C 3 .  ? 11.388  6.803   1.384   1.00 49.05 ? 242 HOH A O   1 
HETATM 628 O  O   . HOH C 3 .  ? 4.606   15.281  -2.424  1.00 45.99 ? 243 HOH A O   1 
HETATM 629 O  O   . HOH C 3 .  ? 3.066   -6.402  12.010  1.00 47.23 ? 244 HOH A O   1 
HETATM 630 O  O   . HOH C 3 .  ? -7.436  6.346   10.052  1.00 46.10 ? 245 HOH A O   1 
HETATM 631 O  O   . HOH C 3 .  ? 10.931  -7.388  -8.645  1.00 44.27 ? 246 HOH A O   1 
HETATM 632 O  O   . HOH C 3 .  ? -4.238  2.577   10.676  1.00 55.43 ? 247 HOH A O   1 
HETATM 633 O  O   . HOH C 3 .  ? -11.617 -6.988  0.679   1.00 40.92 ? 248 HOH A O   1 
HETATM 634 O  O   . HOH C 3 .  ? 6.863   16.703  -5.187  1.00 57.70 ? 249 HOH A O   1 
HETATM 635 O  O   . HOH C 3 .  ? 13.430  1.460   -5.032  1.00 52.59 ? 250 HOH A O   1 
HETATM 636 O  O   . HOH C 3 .  ? 6.170   -10.287 -7.202  1.00 44.74 ? 251 HOH A O   1 
HETATM 637 O  O   . HOH C 3 .  ? 2.343   15.953  -5.159  1.00 57.99 ? 252 HOH A O   1 
HETATM 638 O  O   . HOH C 3 .  ? -10.952 4.854   -9.060  1.00 49.54 ? 253 HOH A O   1 
HETATM 639 O  O   . HOH C 3 .  ? -11.621 -1.985  -9.855  1.00 46.43 ? 254 HOH A O   1 
HETATM 640 O  O   . HOH C 3 .  ? -12.361 -4.712  -9.859  1.00 59.53 ? 255 HOH A O   1 
HETATM 641 O  O   A HOH C 3 .  ? 7.107   -3.817  13.926  0.50 36.57 ? 256 HOH A O   1 
HETATM 642 O  O   B HOH C 3 .  ? 6.930   -2.758  15.382  0.50 44.10 ? 256 HOH A O   1 
HETATM 643 O  O   A HOH C 3 .  ? 12.630  4.779   9.689   0.50 35.75 ? 257 HOH A O   1 
HETATM 644 O  O   B HOH C 3 .  ? 14.029  4.376   8.619   0.50 32.74 ? 257 HOH A O   1 
HETATM 645 O  O   . HOH C 3 .  ? 8.677   14.152  -10.533 1.00 39.71 ? 258 HOH A O   1 
HETATM 646 O  O   . HOH C 3 .  ? 8.973   -9.389  -7.219  1.00 47.35 ? 259 HOH A O   1 
HETATM 647 O  O   . HOH C 3 .  ? -7.151  -11.315 3.669   1.00 52.13 ? 260 HOH A O   1 
HETATM 648 O  O   . HOH C 3 .  ? -4.271  11.976  -6.441  1.00 55.47 ? 261 HOH A O   1 
HETATM 649 O  O   . HOH C 3 .  ? -5.900  8.641   -9.101  1.00 52.83 ? 262 HOH A O   1 
HETATM 650 O  O   . HOH C 3 .  ? 4.661   -10.180 11.708  1.00 58.84 ? 263 HOH A O   1 
HETATM 651 O  O   . HOH C 3 .  ? -12.900 -6.815  -7.765  1.00 53.77 ? 264 HOH A O   1 
# 
